data_5N2H
#
_entry.id   5N2H
#
_cell.length_a   133.524
_cell.length_b   133.524
_cell.length_c   229.492
_cell.angle_alpha   90.00
_cell.angle_beta   90.00
_cell.angle_gamma   120.00
#
_symmetry.space_group_name_H-M   'P 31 2 1'
#
loop_
_entity.id
_entity.type
_entity.pdbx_description
1 polymer 'DNA polymerase'
2 non-polymer '2-(N-MORPHOLINO)-ETHANESULFONIC ACID'
3 non-polymer GLYCEROL
4 non-polymer 2,3-DIHYDROXY-1,4-DITHIOBUTANE
5 non-polymer '4-(2-HYDROXYETHYL)-1-PIPERAZINE ETHANESULFONIC ACID'
6 water water
#
_entity_poly.entity_id   1
_entity_poly.type   'polypeptide(L)'
_entity_poly.pdbx_seq_one_letter_code
;GAMDPDVRCINWFESHGENRFLYLKSRCRNGETVFIRFPHYFYYVVTDEIYQSLSPPPFNARPLGKMRTIDIDETISYNL
DIKDRKCSVADMWLIEEPKKRSIQNATMDEFLNISWFYISNGISPDGCYSLDEQYLTKINNGCYHCDDPRNCFAKKIPRF
DIPRSYLFLAIACHFDKKFPSVFINPISHTSYCYIDLSGKRLLFTLINEEMLTEQEIQEAVDRGCLRIQSLMEMDYEREL
VLCSEIVLLRIAKQLLELTFDYVVTFNGHNFDLRYITNRLELLTGEKIIFRSPDKKEAVHLCIYERNQSSHKGVGGMANT
TFHVNNNNGTIFFDLYSFIQKSEKLDSYKLDSISKNAFSCMGKVLNRGVREMTFIGDDTTDAKGKAAAFAKVLTTGNYVT
VDEDIICKVIRKDIWENGFKVVLLCPTLPNDTYKLSFGKDDVDLAQMYKDYNLNIALDMARYCIHDACLCQYLWEYYGVE
TKTDAGASTYVLPQSMVFEYRASTVIKGPLLKLLLETKTILVRSETKQKFPYEGGKVFAPKQKMFSNNVLIFDYNSLYPN
VCIFGNLSPETLVGVVVSTNRLEEEINNQLLLQKYPPPRYITVHCEPRLPNLISEIAIFDRSIEGTIPRLLRTFLAERAR
YKKMLKQATSSTEKAIYDSMQYTYKIVANSVYGLMGFRNSALYSYASAKSCTSIGRRMILYLESVLNGAELSNGMLRFAN
PLSNPFYMDDRDINPIVKTSLPIDYRFRFRSVYGDTDSVFTEIDSQDVDKSIEIAKELERLINNRVLFNNFKIEFEAVYK
NLIMQSKKKYTTMKYSASSNSKSVPERINKGTSETRRDVSKFHKNMIKTYKTRLSEMLSEGRMNSNQVCIDILRSLETDL
RSEFDSRSSPLELFMLSRMHHSNYKSADNPNMYLVTEYNKNNPETIELGERYYFAYICPANVPWTKKLVNIKTYETIIDR
SFKLGSDQRIFYEVYFKRLTSEIVNLLDNKVLCISFFERMFGSKPTFYE
;
_entity_poly.pdbx_strand_id   A
#
loop_
_chem_comp.id
_chem_comp.type
_chem_comp.name
_chem_comp.formula
DTT non-polymer 2,3-DIHYDROXY-1,4-DITHIOBUTANE 'C4 H10 O2 S2'
EPE non-polymer '4-(2-HYDROXYETHYL)-1-PIPERAZINE ETHANESULFONIC ACID' 'C8 H18 N2 O4 S'
GOL non-polymer GLYCEROL 'C3 H8 O3'
MES non-polymer '2-(N-MORPHOLINO)-ETHANESULFONIC ACID' 'C6 H13 N O4 S'
#
# COMPACT_ATOMS: atom_id res chain seq x y z
N GLY A 1 19.54 23.45 34.90
CA GLY A 1 20.46 24.55 34.51
C GLY A 1 21.20 24.23 33.24
N ALA A 2 22.28 23.45 33.36
CA ALA A 2 23.11 23.08 32.22
C ALA A 2 22.29 22.24 31.25
N MET A 3 22.26 22.67 29.99
CA MET A 3 21.74 21.89 28.85
C MET A 3 22.48 20.55 28.68
N ASP A 4 21.72 19.45 28.51
CA ASP A 4 22.31 18.19 28.06
C ASP A 4 22.77 18.39 26.59
N PRO A 5 24.10 18.27 26.31
CA PRO A 5 24.53 18.46 24.93
C PRO A 5 24.33 17.22 24.00
N ASP A 6 23.94 16.09 24.56
CA ASP A 6 23.61 14.91 23.80
C ASP A 6 22.17 14.91 23.36
N VAL A 7 21.95 15.18 22.08
CA VAL A 7 20.64 15.28 21.46
C VAL A 7 20.46 14.33 20.27
N ARG A 8 19.20 13.96 20.02
CA ARG A 8 18.78 13.17 18.87
C ARG A 8 17.82 14.06 18.08
N CYS A 9 18.16 14.34 16.82
CA CYS A 9 17.30 15.10 15.90
C CYS A 9 16.05 14.29 15.60
N ILE A 10 14.90 14.96 15.69
CA ILE A 10 13.59 14.32 15.45
C ILE A 10 12.63 15.02 14.50
N ASN A 11 12.88 16.30 14.23
CA ASN A 11 12.28 16.97 13.11
C ASN A 11 13.04 18.23 12.72
N TRP A 12 12.81 18.68 11.50
CA TRP A 12 13.37 19.91 11.02
C TRP A 12 12.25 20.66 10.34
N PHE A 13 12.27 22.00 10.41
CA PHE A 13 11.15 22.80 9.89
C PHE A 13 11.55 24.23 9.69
N GLU A 14 10.81 24.90 8.82
CA GLU A 14 11.18 26.23 8.34
C GLU A 14 10.08 27.24 8.68
N SER A 15 10.50 28.41 9.16
CA SER A 15 9.66 29.61 9.11
C SER A 15 9.83 30.20 7.72
N HIS A 16 8.87 31.03 7.31
CA HIS A 16 8.86 31.58 5.97
C HIS A 16 8.66 33.10 5.94
N GLY A 17 8.93 33.80 7.03
CA GLY A 17 8.84 35.28 7.01
C GLY A 17 9.73 35.95 5.95
N GLU A 18 9.76 37.28 5.96
CA GLU A 18 10.80 38.01 5.23
C GLU A 18 12.17 37.80 5.93
N ASN A 19 12.15 37.58 7.26
CA ASN A 19 13.33 37.20 8.04
C ASN A 19 13.19 35.73 8.53
N ARG A 20 13.59 34.80 7.65
CA ARG A 20 13.29 33.35 7.79
C ARG A 20 14.48 32.49 8.27
N PHE A 21 14.12 31.37 8.88
CA PHE A 21 15.06 30.48 9.56
C PHE A 21 14.69 29.01 9.40
N LEU A 22 15.71 28.18 9.59
CA LEU A 22 15.56 26.75 9.69
C LEU A 22 15.61 26.41 11.15
N TYR A 23 14.77 25.47 11.59
CA TYR A 23 14.73 25.03 12.98
C TYR A 23 14.87 23.51 13.11
N LEU A 24 15.60 23.07 14.14
CA LEU A 24 15.69 21.68 14.54
C LEU A 24 14.93 21.47 15.86
N LYS A 25 14.20 20.37 15.97
CA LYS A 25 13.66 19.93 17.23
C LYS A 25 14.40 18.66 17.55
N SER A 26 15.02 18.64 18.73
CA SER A 26 15.80 17.52 19.18
C SER A 26 15.43 17.13 20.58
N ARG A 27 15.93 16.00 21.01
CA ARG A 27 15.55 15.39 22.27
C ARG A 27 16.80 14.84 22.94
N CYS A 28 16.94 15.13 24.23
CA CYS A 28 18.11 14.75 25.02
C CYS A 28 17.85 13.42 25.67
N ARG A 29 18.89 12.87 26.30
CA ARG A 29 18.79 11.50 26.85
C ARG A 29 17.79 11.51 28.03
N ASN A 30 17.88 12.53 28.89
CA ASN A 30 16.86 12.85 29.97
C ASN A 30 15.42 12.92 29.51
N GLY A 31 15.19 13.53 28.37
CA GLY A 31 13.83 13.79 27.88
C GLY A 31 13.54 15.26 27.67
N GLU A 32 14.49 16.13 28.03
CA GLU A 32 14.39 17.53 27.70
C GLU A 32 14.43 17.70 26.18
N THR A 33 13.97 18.84 25.74
CA THR A 33 13.79 19.10 24.35
C THR A 33 14.52 20.37 24.04
N VAL A 34 15.26 20.36 22.95
CA VAL A 34 16.04 21.49 22.54
C VAL A 34 15.64 21.88 21.12
N PHE A 35 15.25 23.13 20.93
CA PHE A 35 15.09 23.70 19.62
C PHE A 35 16.36 24.46 19.30
N ILE A 36 16.85 24.35 18.07
CA ILE A 36 18.02 25.08 17.62
C ILE A 36 17.68 25.77 16.31
N ARG A 37 18.09 27.02 16.18
CA ARG A 37 17.77 27.84 15.01
C ARG A 37 19.02 28.03 14.15
N PHE A 38 18.85 28.01 12.83
CA PHE A 38 19.94 28.16 11.90
C PHE A 38 19.55 29.20 10.87
N PRO A 39 20.50 30.02 10.43
CA PRO A 39 20.15 30.95 9.34
C PRO A 39 19.82 30.23 8.03
N HIS A 40 18.86 30.77 7.27
CA HIS A 40 18.43 30.21 5.97
C HIS A 40 19.25 30.77 4.83
N TYR A 41 19.77 29.89 4.00
CA TYR A 41 20.36 30.35 2.75
C TYR A 41 19.71 29.67 1.55
N PHE A 42 19.89 30.33 0.41
CA PHE A 42 19.60 29.75 -0.88
C PHE A 42 20.95 29.33 -1.48
N TYR A 43 21.02 28.08 -1.92
CA TYR A 43 22.26 27.55 -2.50
C TYR A 43 22.22 27.58 -4.01
N TYR A 44 23.39 27.86 -4.61
CA TYR A 44 23.56 27.85 -6.05
C TYR A 44 24.86 27.13 -6.40
N VAL A 45 24.84 26.33 -7.46
CA VAL A 45 26.07 25.71 -7.93
C VAL A 45 26.48 26.42 -9.21
N VAL A 46 27.71 26.90 -9.22
CA VAL A 46 28.24 27.62 -10.37
C VAL A 46 29.63 27.14 -10.73
N THR A 47 29.96 27.46 -11.96
CA THR A 47 31.21 27.11 -12.52
C THR A 47 32.17 28.18 -12.05
N ASP A 48 33.47 27.93 -12.13
CA ASP A 48 34.47 28.86 -11.56
C ASP A 48 34.58 30.15 -12.34
N GLU A 49 34.35 30.08 -13.65
CA GLU A 49 34.29 31.28 -14.47
C GLU A 49 33.12 32.19 -13.99
N ILE A 50 31.90 31.66 -13.90
CA ILE A 50 30.72 32.41 -13.41
C ILE A 50 30.99 33.04 -12.04
N TYR A 51 31.57 32.24 -11.15
CA TYR A 51 31.87 32.64 -9.78
C TYR A 51 32.75 33.87 -9.71
N GLN A 52 33.85 33.84 -10.45
CA GLN A 52 34.77 34.96 -10.54
C GLN A 52 34.08 36.23 -11.01
N SER A 53 33.11 36.08 -11.91
CA SER A 53 32.39 37.21 -12.51
C SER A 53 31.27 37.85 -11.66
N LEU A 54 31.03 37.38 -10.44
CA LEU A 54 29.74 37.68 -9.79
C LEU A 54 29.56 39.13 -9.29
N SER A 55 28.36 39.68 -9.60
CA SER A 55 28.02 41.13 -9.51
C SER A 55 28.50 41.75 -8.22
N PRO A 56 27.71 41.65 -7.09
CA PRO A 56 28.43 41.63 -5.80
C PRO A 56 28.80 40.19 -5.46
N PRO A 57 29.88 40.00 -4.69
CA PRO A 57 30.28 38.62 -4.32
C PRO A 57 29.25 37.87 -3.49
N PRO A 58 29.24 36.53 -3.59
CA PRO A 58 28.27 35.78 -2.79
C PRO A 58 28.60 35.88 -1.29
N PHE A 59 27.58 35.79 -0.44
CA PHE A 59 27.74 35.80 1.02
C PHE A 59 28.82 34.81 1.42
N ASN A 60 28.74 33.59 0.92
CA ASN A 60 29.83 32.66 1.13
C ASN A 60 29.96 31.68 -0.02
N ALA A 61 31.12 31.01 -0.14
CA ALA A 61 31.32 29.98 -1.16
C ALA A 61 32.34 28.91 -0.75
N ARG A 62 32.11 27.66 -1.17
CA ARG A 62 33.02 26.54 -0.93
C ARG A 62 33.30 25.92 -2.31
N PRO A 63 34.55 25.54 -2.57
CA PRO A 63 34.80 24.80 -3.80
C PRO A 63 34.19 23.39 -3.74
N LEU A 64 33.71 22.91 -4.89
CA LEU A 64 33.27 21.52 -5.04
C LEU A 64 34.27 20.59 -5.74
N GLY A 65 35.31 21.14 -6.36
CA GLY A 65 36.24 20.36 -7.17
C GLY A 65 35.92 20.43 -8.64
N LYS A 66 36.75 19.78 -9.45
CA LYS A 66 36.44 19.60 -10.85
C LYS A 66 35.23 18.67 -11.00
N MET A 67 34.32 19.01 -11.92
CA MET A 67 33.16 18.18 -12.23
C MET A 67 32.87 18.21 -13.72
N ARG A 68 32.55 17.04 -14.27
CA ARG A 68 32.10 16.92 -15.67
C ARG A 68 30.62 17.25 -15.79
N THR A 69 30.26 18.02 -16.80
CA THR A 69 28.88 18.39 -17.09
C THR A 69 28.56 17.79 -18.44
N ILE A 70 27.54 16.93 -18.50
CA ILE A 70 27.23 16.14 -19.67
C ILE A 70 25.87 16.48 -20.21
N ASP A 71 25.78 16.65 -21.54
CA ASP A 71 24.50 16.92 -22.21
C ASP A 71 23.77 15.60 -22.31
N ILE A 72 22.57 15.50 -21.75
CA ILE A 72 21.86 14.24 -21.77
C ILE A 72 20.67 14.21 -22.70
N ASP A 73 20.55 15.25 -23.53
CA ASP A 73 19.50 15.31 -24.55
C ASP A 73 19.54 14.10 -25.50
N GLU A 74 18.39 13.46 -25.63
CA GLU A 74 18.28 12.22 -26.36
C GLU A 74 17.96 12.64 -27.80
N THR A 75 18.56 11.98 -28.77
CA THR A 75 18.35 12.32 -30.18
C THR A 75 18.28 11.04 -30.99
N ILE A 76 17.38 10.98 -31.97
CA ILE A 76 17.33 9.81 -32.85
C ILE A 76 18.16 9.99 -34.11
N SER A 77 18.75 8.91 -34.58
CA SER A 77 19.55 8.91 -35.80
C SER A 77 18.98 7.89 -36.79
N TYR A 78 18.70 8.35 -38.01
CA TYR A 78 18.24 7.44 -39.08
C TYR A 78 19.42 6.63 -39.69
N ASN A 79 20.63 6.87 -39.23
CA ASN A 79 21.78 6.04 -39.58
C ASN A 79 22.78 5.91 -38.40
N LEU A 80 24.01 5.50 -38.66
CA LEU A 80 25.03 5.39 -37.61
C LEU A 80 26.04 6.54 -37.54
N ASP A 81 25.60 7.71 -38.01
CA ASP A 81 26.38 8.93 -37.95
C ASP A 81 25.80 9.62 -36.74
N ILE A 82 26.36 9.27 -35.60
CA ILE A 82 25.89 9.67 -34.26
C ILE A 82 26.97 10.51 -33.64
N LYS A 83 26.68 11.77 -33.35
CA LYS A 83 27.72 12.66 -32.79
C LYS A 83 27.98 12.33 -31.31
N ASP A 84 29.21 12.58 -30.85
CA ASP A 84 29.58 12.38 -29.45
C ASP A 84 28.83 13.33 -28.56
N ARG A 85 28.70 12.93 -27.31
CA ARG A 85 27.87 13.66 -26.35
C ARG A 85 28.69 14.84 -25.80
N LYS A 86 28.11 16.05 -25.82
CA LYS A 86 28.82 17.25 -25.33
C LYS A 86 29.11 17.15 -23.82
N CYS A 87 30.36 17.44 -23.47
CA CYS A 87 30.88 17.17 -22.16
C CYS A 87 32.03 18.14 -21.88
N SER A 88 31.88 18.96 -20.85
CA SER A 88 32.92 19.90 -20.41
C SER A 88 33.30 19.67 -18.95
N VAL A 89 34.53 20.03 -18.61
CA VAL A 89 34.99 19.96 -17.21
C VAL A 89 35.35 21.35 -16.70
N ALA A 90 34.99 21.63 -15.44
CA ALA A 90 35.34 22.90 -14.80
C ALA A 90 35.30 22.79 -13.29
N ASP A 91 35.94 23.75 -12.63
CA ASP A 91 35.88 23.84 -11.17
C ASP A 91 34.57 24.45 -10.77
N MET A 92 33.92 23.84 -9.78
CA MET A 92 32.59 24.21 -9.39
C MET A 92 32.58 24.79 -7.99
N TRP A 93 31.60 25.64 -7.71
CA TRP A 93 31.44 26.27 -6.41
C TRP A 93 30.01 26.10 -5.95
N LEU A 94 29.87 25.74 -4.68
CA LEU A 94 28.62 25.88 -3.96
C LEU A 94 28.63 27.27 -3.33
N ILE A 95 27.70 28.13 -3.71
CA ILE A 95 27.60 29.46 -3.11
C ILE A 95 26.33 29.59 -2.30
N GLU A 96 26.40 30.43 -1.27
CA GLU A 96 25.30 30.64 -0.31
C GLU A 96 24.85 32.09 -0.39
N GLU A 97 23.54 32.32 -0.27
CA GLU A 97 23.00 33.66 -0.41
C GLU A 97 21.76 33.83 0.51
N PRO A 98 21.68 34.93 1.28
CA PRO A 98 20.52 35.09 2.17
C PRO A 98 19.25 35.54 1.45
N LYS A 99 19.38 36.26 0.33
CA LYS A 99 18.23 36.53 -0.53
C LYS A 99 18.31 35.68 -1.79
N LYS A 100 17.15 35.33 -2.33
CA LYS A 100 17.06 34.67 -3.66
C LYS A 100 17.93 35.41 -4.69
N ARG A 101 18.35 34.73 -5.75
CA ARG A 101 19.26 35.32 -6.72
C ARG A 101 19.22 34.60 -8.07
N SER A 102 18.97 35.36 -9.14
CA SER A 102 19.01 34.86 -10.50
C SER A 102 20.46 34.99 -10.95
N ILE A 103 21.07 33.83 -11.22
CA ILE A 103 22.42 33.73 -11.73
C ILE A 103 22.31 33.06 -13.08
N GLN A 104 22.72 33.78 -14.11
CA GLN A 104 22.32 33.49 -15.50
C GLN A 104 22.42 32.00 -15.94
N ASN A 105 23.46 31.30 -15.46
CA ASN A 105 23.76 29.97 -15.95
C ASN A 105 24.20 29.02 -14.85
N ALA A 106 23.58 29.16 -13.69
CA ALA A 106 23.87 28.30 -12.57
C ALA A 106 23.38 26.88 -12.90
N THR A 107 24.00 25.87 -12.31
CA THR A 107 23.75 24.49 -12.65
C THR A 107 23.26 23.74 -11.35
N MET A 108 22.88 22.48 -11.48
CA MET A 108 22.27 21.72 -10.38
C MET A 108 21.03 22.35 -9.71
N ASP A 109 20.27 23.12 -10.47
CA ASP A 109 19.08 23.84 -9.95
C ASP A 109 17.93 22.96 -9.43
N GLU A 110 17.80 21.75 -9.94
CA GLU A 110 16.71 20.85 -9.54
C GLU A 110 16.72 20.41 -8.07
N PHE A 111 17.87 20.51 -7.41
CA PHE A 111 18.01 19.95 -6.07
C PHE A 111 17.61 20.96 -5.01
N LEU A 112 17.16 20.43 -3.89
CA LEU A 112 16.56 21.22 -2.81
C LEU A 112 17.61 21.90 -1.92
N ASN A 113 17.31 23.14 -1.51
CA ASN A 113 18.12 23.87 -0.52
C ASN A 113 18.36 23.05 0.74
N ILE A 114 17.30 22.49 1.31
CA ILE A 114 17.42 21.75 2.57
C ILE A 114 18.43 20.62 2.40
N SER A 115 18.45 19.99 1.24
CA SER A 115 19.37 18.90 0.96
C SER A 115 20.79 19.44 1.09
N TRP A 116 21.04 20.61 0.50
CA TRP A 116 22.37 21.24 0.59
C TRP A 116 22.77 21.58 2.02
N PHE A 117 21.82 21.99 2.86
CA PHE A 117 22.11 22.27 4.27
C PHE A 117 22.73 21.02 4.90
N TYR A 118 22.03 19.89 4.79
CA TYR A 118 22.52 18.67 5.42
C TYR A 118 23.87 18.22 4.85
N ILE A 119 23.98 18.22 3.53
CA ILE A 119 25.21 17.77 2.87
C ILE A 119 26.38 18.69 3.22
N SER A 120 26.23 19.97 2.93
CA SER A 120 27.25 20.97 3.22
C SER A 120 27.74 20.90 4.66
N ASN A 121 26.85 20.89 5.63
CA ASN A 121 27.27 20.95 7.04
C ASN A 121 27.56 19.57 7.66
N GLY A 122 27.48 18.50 6.88
CA GLY A 122 27.79 17.17 7.41
C GLY A 122 26.81 16.67 8.44
N ILE A 123 25.52 16.93 8.23
CA ILE A 123 24.47 16.64 9.22
C ILE A 123 23.46 15.62 8.67
N SER A 124 23.27 14.51 9.40
CA SER A 124 22.22 13.54 9.10
C SER A 124 20.95 13.98 9.80
N PRO A 125 19.81 14.02 9.09
CA PRO A 125 18.60 14.51 9.77
C PRO A 125 18.07 13.66 10.94
N ASP A 126 18.44 12.39 11.03
CA ASP A 126 18.03 11.58 12.17
C ASP A 126 19.19 11.30 13.16
N GLY A 127 20.31 11.99 13.02
CA GLY A 127 21.51 11.68 13.80
C GLY A 127 21.44 12.09 15.26
N CYS A 128 22.35 11.51 16.07
CA CYS A 128 22.65 12.01 17.42
C CYS A 128 24.02 12.66 17.47
N TYR A 129 24.16 13.63 18.35
CA TYR A 129 25.30 14.53 18.36
C TYR A 129 25.61 14.97 19.78
N SER A 130 26.90 15.18 20.11
CA SER A 130 27.30 16.02 21.26
C SER A 130 27.52 17.39 20.73
N LEU A 131 26.59 18.27 21.04
CA LEU A 131 26.63 19.58 20.46
C LEU A 131 27.77 20.31 21.11
N ASP A 132 28.44 21.18 20.36
CA ASP A 132 29.47 22.02 20.91
C ASP A 132 28.83 23.32 21.35
N GLU A 133 28.59 23.44 22.66
CA GLU A 133 27.93 24.62 23.24
C GLU A 133 28.65 25.94 22.93
N GLN A 134 29.94 25.87 22.68
CA GLN A 134 30.71 27.01 22.24
C GLN A 134 30.04 27.75 21.07
N TYR A 135 29.39 27.00 20.17
CA TYR A 135 28.74 27.55 18.96
C TYR A 135 27.23 27.85 19.05
N LEU A 136 26.64 27.55 20.22
CA LEU A 136 25.25 27.92 20.52
C LEU A 136 25.16 29.17 21.39
N THR A 137 24.21 30.06 21.07
CA THR A 137 23.80 31.15 21.97
C THR A 137 22.27 31.12 22.28
N LYS A 138 21.92 30.93 23.55
CA LYS A 138 20.50 30.92 24.01
C LYS A 138 19.71 32.17 23.64
N ILE A 139 18.41 31.99 23.35
CA ILE A 139 17.52 33.10 22.96
C ILE A 139 16.07 33.04 23.51
N ASN A 140 15.58 31.86 23.85
CA ASN A 140 14.46 31.66 24.77
C ASN A 140 14.95 30.62 25.71
N ASN A 141 14.12 30.26 26.68
CA ASN A 141 14.37 29.03 27.42
C ASN A 141 14.15 27.94 26.38
N GLY A 142 15.00 26.90 26.42
CA GLY A 142 14.92 25.80 25.47
C GLY A 142 15.33 26.05 24.00
N CYS A 143 15.40 27.32 23.54
CA CYS A 143 15.72 27.65 22.13
C CYS A 143 17.06 28.36 21.97
N TYR A 144 17.98 27.76 21.23
CA TYR A 144 19.32 28.29 20.97
C TYR A 144 19.48 28.66 19.51
N HIS A 145 20.47 29.49 19.22
CA HIS A 145 20.84 29.85 17.85
C HIS A 145 22.24 29.36 17.56
N CYS A 146 22.46 28.97 16.31
CA CYS A 146 23.71 28.39 15.85
C CYS A 146 24.12 28.99 14.53
N ASP A 147 25.12 29.87 14.55
CA ASP A 147 25.60 30.43 13.29
C ASP A 147 26.50 29.44 12.54
N ASP A 148 27.17 28.51 13.25
CA ASP A 148 28.12 27.57 12.63
C ASP A 148 27.76 26.07 12.86
N PRO A 149 26.77 25.59 12.10
CA PRO A 149 26.31 24.21 12.24
C PRO A 149 27.34 23.15 11.95
N ARG A 150 28.21 23.38 10.95
CA ARG A 150 29.29 22.42 10.63
C ARG A 150 30.11 22.11 11.88
N ASN A 151 30.52 23.17 12.58
CA ASN A 151 31.30 22.96 13.81
C ASN A 151 30.47 22.53 14.99
N CYS A 152 29.31 23.16 15.20
CA CYS A 152 28.44 22.78 16.32
C CYS A 152 28.08 21.29 16.30
N PHE A 153 27.80 20.76 15.10
CA PHE A 153 27.39 19.35 14.92
C PHE A 153 28.55 18.41 14.57
N ALA A 154 29.76 18.80 14.94
CA ALA A 154 30.92 18.08 14.49
C ALA A 154 31.13 16.74 15.16
N LYS A 155 30.59 16.50 16.35
CA LYS A 155 30.79 15.20 16.99
C LYS A 155 29.55 14.31 16.91
N LYS A 156 29.48 13.48 15.88
CA LYS A 156 28.34 12.57 15.71
C LYS A 156 28.56 11.45 16.71
N ILE A 157 27.50 10.89 17.24
CA ILE A 157 27.61 9.85 18.26
C ILE A 157 26.52 8.79 18.03
N PRO A 158 26.71 7.59 18.55
CA PRO A 158 25.72 6.56 18.25
C PRO A 158 24.33 6.85 18.79
N ARG A 159 23.35 6.21 18.16
CA ARG A 159 21.93 6.40 18.41
C ARG A 159 21.63 5.90 19.81
N PHE A 160 20.94 6.75 20.58
CA PHE A 160 20.35 6.38 21.87
C PHE A 160 18.82 6.46 21.80
N ASP A 161 18.15 5.59 22.54
CA ASP A 161 16.68 5.58 22.56
C ASP A 161 16.18 6.89 23.17
N ILE A 162 15.03 7.34 22.74
CA ILE A 162 14.39 8.52 23.29
C ILE A 162 12.92 8.25 23.49
N PRO A 163 12.29 8.94 24.43
CA PRO A 163 10.83 8.91 24.52
C PRO A 163 10.21 10.00 23.65
N ARG A 164 8.95 9.80 23.29
CA ARG A 164 8.23 10.74 22.44
C ARG A 164 6.77 10.89 22.86
N SER A 165 6.22 12.08 22.62
CA SER A 165 4.81 12.38 22.93
C SER A 165 3.91 12.38 21.69
N TYR A 166 2.74 11.76 21.83
CA TYR A 166 1.81 11.62 20.75
C TYR A 166 0.44 12.13 21.17
N LEU A 167 -0.24 12.84 20.28
CA LEU A 167 -1.70 13.00 20.43
C LEU A 167 -2.41 12.34 19.25
N PHE A 168 -3.15 11.27 19.50
CA PHE A 168 -4.04 10.69 18.49
C PHE A 168 -5.45 11.18 18.74
N LEU A 169 -6.18 11.57 17.69
CA LEU A 169 -7.53 12.07 17.89
C LEU A 169 -8.58 11.73 16.82
N ALA A 170 -9.85 11.83 17.21
CA ALA A 170 -10.97 11.62 16.31
C ALA A 170 -12.18 12.43 16.75
N ILE A 171 -12.98 12.89 15.79
CA ILE A 171 -14.22 13.56 16.11
C ILE A 171 -15.39 12.86 15.48
N ALA A 172 -16.57 13.30 15.90
CA ALA A 172 -17.85 12.81 15.44
C ALA A 172 -18.79 14.02 15.25
N CYS A 173 -19.25 14.20 14.00
CA CYS A 173 -20.20 15.24 13.65
C CYS A 173 -21.55 14.65 13.35
N HIS A 174 -22.55 15.25 14.00
CA HIS A 174 -23.97 15.18 13.63
C HIS A 174 -24.24 15.26 12.10
N PHE A 175 -25.24 14.50 11.66
CA PHE A 175 -25.82 14.65 10.31
C PHE A 175 -27.16 13.90 10.25
N ASP A 176 -28.03 14.28 9.31
CA ASP A 176 -29.24 13.46 9.00
C ASP A 176 -29.14 12.85 7.59
N LYS A 177 -29.29 13.64 6.52
CA LYS A 177 -29.23 13.09 5.15
C LYS A 177 -27.99 13.47 4.35
N LYS A 178 -27.58 14.74 4.38
CA LYS A 178 -26.38 15.16 3.63
C LYS A 178 -25.09 14.83 4.42
N PHE A 179 -23.94 15.02 3.78
CA PHE A 179 -22.63 14.99 4.47
C PHE A 179 -22.57 16.21 5.42
N PRO A 180 -22.04 16.04 6.68
CA PRO A 180 -21.99 17.16 7.65
C PRO A 180 -21.36 18.44 7.10
N SER A 181 -22.07 19.56 7.22
CA SER A 181 -21.57 20.90 6.84
C SER A 181 -21.38 21.81 8.06
N VAL A 182 -20.22 22.46 8.08
CA VAL A 182 -19.76 23.19 9.26
C VAL A 182 -20.73 24.31 9.65
N PHE A 183 -21.40 24.87 8.65
CA PHE A 183 -22.35 25.96 8.87
C PHE A 183 -23.59 25.57 9.69
N ILE A 184 -24.02 24.30 9.60
CA ILE A 184 -25.24 23.88 10.28
C ILE A 184 -25.01 22.80 11.34
N ASN A 185 -24.12 21.84 11.11
CA ASN A 185 -23.99 20.69 12.02
C ASN A 185 -22.96 20.89 13.13
N PRO A 186 -23.31 20.60 14.39
CA PRO A 186 -22.35 20.70 15.48
C PRO A 186 -21.48 19.43 15.66
N ILE A 187 -20.30 19.61 16.22
CA ILE A 187 -19.50 18.48 16.68
C ILE A 187 -20.21 17.89 17.89
N SER A 188 -20.36 16.57 17.91
CA SER A 188 -20.96 15.90 19.03
C SER A 188 -19.95 15.32 20.00
N HIS A 189 -18.78 14.95 19.49
CA HIS A 189 -17.74 14.31 20.29
C HIS A 189 -16.38 14.74 19.82
N THR A 190 -15.43 14.81 20.73
CA THR A 190 -14.00 14.93 20.40
C THR A 190 -13.35 13.94 21.30
N SER A 191 -12.64 12.96 20.73
CA SER A 191 -11.91 11.96 21.52
C SER A 191 -10.42 12.11 21.29
N TYR A 192 -9.65 11.88 22.37
CA TYR A 192 -8.19 12.01 22.36
C TYR A 192 -7.52 10.84 23.07
N CYS A 193 -6.41 10.37 22.50
CA CYS A 193 -5.55 9.36 23.08
C CYS A 193 -4.19 9.99 23.15
N TYR A 194 -3.71 10.22 24.38
CA TYR A 194 -2.44 10.89 24.61
C TYR A 194 -1.44 9.87 25.10
N ILE A 195 -0.30 9.78 24.43
CA ILE A 195 0.80 8.97 24.91
C ILE A 195 1.92 9.87 25.39
N ASP A 196 2.25 9.70 26.66
CA ASP A 196 3.22 10.52 27.40
C ASP A 196 4.62 9.97 27.16
N LEU A 197 5.62 10.80 27.36
CA LEU A 197 7.01 10.32 27.43
C LEU A 197 7.20 9.02 28.26
N SER A 198 6.45 8.91 29.36
CA SER A 198 6.47 7.71 30.19
C SER A 198 6.02 6.41 29.52
N GLY A 199 5.27 6.51 28.41
CA GLY A 199 4.53 5.40 27.85
C GLY A 199 3.08 5.33 28.32
N LYS A 200 2.72 6.07 29.39
CA LYS A 200 1.34 6.13 29.90
C LYS A 200 0.34 6.59 28.85
N ARG A 201 -0.76 5.87 28.72
CA ARG A 201 -1.86 6.26 27.87
C ARG A 201 -2.95 6.99 28.67
N LEU A 202 -3.45 8.07 28.10
CA LEU A 202 -4.49 8.86 28.71
C LEU A 202 -5.62 9.00 27.68
N LEU A 203 -6.78 8.42 27.98
CA LEU A 203 -7.96 8.55 27.13
C LEU A 203 -8.94 9.55 27.69
N PHE A 204 -9.41 10.48 26.85
CA PHE A 204 -10.54 11.31 27.23
C PHE A 204 -11.36 11.77 26.04
N THR A 205 -12.65 11.87 26.28
CA THR A 205 -13.61 12.15 25.24
C THR A 205 -14.54 13.24 25.74
N LEU A 206 -14.68 14.31 24.98
CA LEU A 206 -15.54 15.40 25.36
C LEU A 206 -16.83 15.26 24.59
N ILE A 207 -17.94 15.13 25.32
CA ILE A 207 -19.30 15.06 24.77
C ILE A 207 -19.99 16.42 24.76
N ASN A 208 -20.65 16.74 23.66
CA ASN A 208 -21.42 17.98 23.56
C ASN A 208 -22.77 17.91 24.30
N GLU A 209 -22.82 18.55 25.49
CA GLU A 209 -24.04 18.88 26.28
C GLU A 209 -25.24 19.31 25.45
N GLU A 210 -25.03 20.33 24.61
CA GLU A 210 -26.09 21.05 23.94
C GLU A 210 -26.97 20.16 23.05
N MET A 211 -26.55 18.95 22.74
CA MET A 211 -27.39 17.96 22.09
C MET A 211 -28.08 16.98 23.05
N LEU A 212 -28.31 17.37 24.30
CA LEU A 212 -28.95 16.48 25.27
C LEU A 212 -29.92 17.26 26.18
N THR A 213 -30.74 16.51 26.87
CA THR A 213 -31.72 17.09 27.78
C THR A 213 -31.04 17.39 29.10
N GLU A 214 -31.46 18.50 29.72
CA GLU A 214 -30.96 18.87 31.05
C GLU A 214 -31.08 17.70 32.03
N GLN A 215 -32.22 16.99 32.00
CA GLN A 215 -32.41 15.73 32.74
C GLN A 215 -31.31 14.71 32.41
N GLU A 216 -31.03 14.55 31.12
CA GLU A 216 -30.00 13.59 30.64
C GLU A 216 -28.59 13.97 31.11
N ILE A 217 -28.27 15.25 31.01
CA ILE A 217 -26.98 15.75 31.48
C ILE A 217 -26.75 15.37 32.97
N GLN A 218 -27.75 15.67 33.80
CA GLN A 218 -27.73 15.26 35.20
C GLN A 218 -27.65 13.71 35.36
N GLU A 219 -28.32 12.95 34.51
CA GLU A 219 -28.16 11.48 34.55
C GLU A 219 -26.69 11.08 34.36
N ALA A 220 -26.04 11.70 33.38
CA ALA A 220 -24.64 11.43 33.04
C ALA A 220 -23.74 11.69 34.24
N VAL A 221 -23.95 12.84 34.87
CA VAL A 221 -23.24 13.21 36.07
C VAL A 221 -23.45 12.15 37.15
N ASP A 222 -24.73 11.89 37.49
CA ASP A 222 -25.10 10.84 38.46
C ASP A 222 -24.47 9.48 38.15
N ARG A 223 -24.31 9.19 36.86
CA ARG A 223 -23.71 7.93 36.42
C ARG A 223 -22.19 7.87 36.52
N GLY A 224 -21.51 9.01 36.56
CA GLY A 224 -20.05 9.03 36.53
C GLY A 224 -19.37 10.17 35.79
N CYS A 225 -20.06 10.80 34.83
CA CYS A 225 -19.42 11.82 33.97
C CYS A 225 -19.17 13.13 34.69
N LEU A 226 -18.05 13.75 34.36
CA LEU A 226 -17.79 15.12 34.79
C LEU A 226 -18.48 16.07 33.84
N ARG A 227 -19.15 17.06 34.39
CA ARG A 227 -19.69 18.14 33.60
C ARG A 227 -18.92 19.40 33.91
N ILE A 228 -18.65 20.23 32.91
CA ILE A 228 -17.81 21.42 33.07
C ILE A 228 -18.39 22.58 32.30
N GLN A 229 -18.09 23.78 32.77
CA GLN A 229 -18.67 25.02 32.29
C GLN A 229 -17.70 25.91 31.55
N SER A 230 -16.39 25.68 31.70
CA SER A 230 -15.37 26.44 30.94
C SER A 230 -14.14 25.60 30.72
N LEU A 231 -13.23 26.11 29.89
CA LEU A 231 -11.94 25.45 29.63
C LEU A 231 -11.20 25.14 30.93
N MET A 232 -11.05 26.21 31.72
CA MET A 232 -10.45 26.20 33.07
C MET A 232 -10.80 25.01 33.96
N GLU A 233 -12.00 24.44 33.81
CA GLU A 233 -12.47 23.35 34.69
C GLU A 233 -12.20 21.95 34.19
N MET A 234 -11.47 21.81 33.08
CA MET A 234 -11.30 20.51 32.46
C MET A 234 -10.31 19.74 33.31
N ASP A 235 -10.62 18.48 33.59
CA ASP A 235 -9.71 17.56 34.26
C ASP A 235 -9.45 16.39 33.31
N TYR A 236 -8.20 16.29 32.86
CA TYR A 236 -7.82 15.31 31.87
C TYR A 236 -7.69 13.87 32.36
N GLU A 237 -7.85 13.65 33.67
CA GLU A 237 -8.00 12.29 34.17
C GLU A 237 -9.41 11.77 34.12
N ARG A 238 -10.37 12.61 33.77
CA ARG A 238 -11.73 12.11 33.54
C ARG A 238 -11.92 11.64 32.11
N GLU A 239 -12.29 10.36 31.95
CA GLU A 239 -12.45 9.74 30.63
C GLU A 239 -13.66 10.27 29.84
N LEU A 240 -14.69 10.69 30.55
CA LEU A 240 -15.91 11.23 29.94
C LEU A 240 -16.23 12.57 30.56
N VAL A 241 -16.35 13.60 29.72
CA VAL A 241 -16.64 14.95 30.16
C VAL A 241 -17.73 15.57 29.29
N LEU A 242 -18.80 16.05 29.94
CA LEU A 242 -19.87 16.77 29.25
C LEU A 242 -19.60 18.25 29.32
N CYS A 243 -19.83 18.94 28.21
CA CYS A 243 -19.60 20.37 28.15
C CYS A 243 -20.23 20.98 26.91
N SER A 244 -20.24 22.30 26.84
CA SER A 244 -20.81 22.97 25.67
C SER A 244 -19.89 22.83 24.46
N GLU A 245 -20.44 23.06 23.27
CA GLU A 245 -19.68 23.03 22.04
C GLU A 245 -18.52 24.03 21.99
N ILE A 246 -18.73 25.24 22.48
CA ILE A 246 -17.64 26.22 22.53
C ILE A 246 -16.54 25.77 23.47
N VAL A 247 -16.88 25.24 24.63
CA VAL A 247 -15.85 24.76 25.54
C VAL A 247 -15.00 23.69 24.83
N LEU A 248 -15.68 22.64 24.38
CA LEU A 248 -15.11 21.58 23.54
C LEU A 248 -14.11 22.06 22.45
N LEU A 249 -14.50 23.12 21.75
CA LEU A 249 -13.69 23.70 20.69
C LEU A 249 -12.49 24.49 21.18
N ARG A 250 -12.63 25.15 22.32
CA ARG A 250 -11.52 25.84 22.96
C ARG A 250 -10.53 24.83 23.53
N ILE A 251 -11.04 23.68 23.98
CA ILE A 251 -10.18 22.62 24.46
C ILE A 251 -9.35 22.04 23.31
N ALA A 252 -9.98 21.90 22.14
CA ALA A 252 -9.27 21.44 20.96
C ALA A 252 -8.12 22.36 20.61
N LYS A 253 -8.43 23.64 20.59
CA LYS A 253 -7.49 24.71 20.31
C LYS A 253 -6.29 24.69 21.25
N GLN A 254 -6.56 24.48 22.54
CA GLN A 254 -5.50 24.43 23.51
C GLN A 254 -4.59 23.22 23.26
N LEU A 255 -5.18 22.08 22.97
CA LEU A 255 -4.43 20.87 22.72
C LEU A 255 -3.67 20.99 21.40
N LEU A 256 -4.30 21.50 20.35
CA LEU A 256 -3.64 21.51 19.03
C LEU A 256 -2.50 22.51 18.96
N GLU A 257 -2.46 23.45 19.86
CA GLU A 257 -1.39 24.43 19.89
C GLU A 257 -0.17 23.89 20.64
N LEU A 258 -0.33 22.82 21.42
CA LEU A 258 0.80 22.24 22.13
C LEU A 258 1.79 21.58 21.18
N THR A 259 3.03 21.52 21.62
CA THR A 259 4.11 21.03 20.79
C THR A 259 4.34 19.54 20.99
N PHE A 260 3.29 18.74 20.78
CA PHE A 260 3.44 17.28 20.72
C PHE A 260 4.44 16.98 19.62
N ASP A 261 5.11 15.83 19.71
CA ASP A 261 5.95 15.37 18.60
C ASP A 261 5.14 15.03 17.35
N TYR A 262 4.05 14.28 17.58
CA TYR A 262 3.14 13.84 16.53
C TYR A 262 1.69 14.09 16.97
N VAL A 263 0.91 14.70 16.08
CA VAL A 263 -0.55 14.73 16.16
C VAL A 263 -1.07 13.92 14.97
N VAL A 264 -1.73 12.83 15.28
CA VAL A 264 -2.02 11.78 14.33
C VAL A 264 -3.51 11.56 14.18
N THR A 265 -3.97 11.49 12.94
CA THR A 265 -5.38 11.32 12.62
C THR A 265 -5.58 10.35 11.47
N PHE A 266 -6.81 9.90 11.26
CA PHE A 266 -7.21 9.26 10.00
C PHE A 266 -8.09 10.21 9.18
N ASN A 267 -7.56 10.73 8.08
CA ASN A 267 -8.25 11.74 7.28
C ASN A 267 -8.58 13.00 8.10
N GLY A 268 -7.80 13.25 9.13
CA GLY A 268 -7.99 14.42 9.93
C GLY A 268 -7.68 15.70 9.22
N HIS A 269 -6.74 15.68 8.29
CA HIS A 269 -6.29 16.95 7.69
C HIS A 269 -7.35 17.52 6.77
N ASN A 270 -8.05 16.63 6.06
CA ASN A 270 -9.09 17.08 5.16
C ASN A 270 -10.44 17.28 5.84
N PHE A 271 -10.79 16.43 6.81
CA PHE A 271 -12.05 16.53 7.55
C PHE A 271 -11.94 17.04 9.01
N ASP A 272 -11.51 16.18 9.95
CA ASP A 272 -11.57 16.46 11.41
C ASP A 272 -11.01 17.84 11.80
N LEU A 273 -9.76 18.11 11.46
CA LEU A 273 -9.13 19.37 11.84
C LEU A 273 -9.72 20.53 11.07
N ARG A 274 -10.09 20.30 9.83
CA ARG A 274 -10.72 21.36 9.04
C ARG A 274 -12.04 21.76 9.70
N TYR A 275 -12.81 20.75 10.07
CA TYR A 275 -14.07 20.94 10.80
C TYR A 275 -13.93 21.72 12.10
N ILE A 276 -13.03 21.27 12.97
CA ILE A 276 -12.78 21.95 14.25
C ILE A 276 -12.45 23.41 13.99
N THR A 277 -11.48 23.66 13.12
CA THR A 277 -10.99 24.99 12.84
C THR A 277 -12.08 25.93 12.37
N ASN A 278 -12.95 25.48 11.46
CA ASN A 278 -13.99 26.36 10.87
C ASN A 278 -15.14 26.59 11.85
N ARG A 279 -15.54 25.52 12.49
CA ARG A 279 -16.54 25.58 13.55
C ARG A 279 -16.14 26.49 14.74
N LEU A 280 -14.85 26.54 15.05
CA LEU A 280 -14.33 27.47 16.04
C LEU A 280 -14.44 28.90 15.49
N GLU A 281 -13.97 29.12 14.27
CA GLU A 281 -14.02 30.46 13.66
C GLU A 281 -15.45 30.97 13.57
N LEU A 282 -16.41 30.06 13.49
CA LEU A 282 -17.82 30.40 13.44
C LEU A 282 -18.36 30.79 14.80
N LEU A 283 -18.33 29.86 15.75
CA LEU A 283 -19.00 30.05 17.03
C LEU A 283 -18.38 31.14 17.89
N THR A 284 -17.05 31.13 18.01
CA THR A 284 -16.26 32.22 18.64
C THR A 284 -15.59 32.95 17.50
N GLY A 285 -14.68 33.88 17.77
CA GLY A 285 -13.96 34.48 16.64
C GLY A 285 -12.67 33.78 16.25
N GLU A 286 -12.33 32.71 16.98
CA GLU A 286 -10.93 32.37 17.26
C GLU A 286 -10.24 31.55 16.17
N LYS A 287 -8.92 31.73 16.07
CA LYS A 287 -8.02 30.93 15.23
C LYS A 287 -7.12 30.02 16.07
N ILE A 288 -6.70 28.91 15.49
CA ILE A 288 -5.69 28.04 16.11
C ILE A 288 -4.35 28.58 15.68
N ILE A 289 -3.44 28.78 16.63
CA ILE A 289 -2.23 29.55 16.36
C ILE A 289 -0.98 28.75 16.69
N PHE A 290 -0.09 28.71 15.71
CA PHE A 290 1.16 28.01 15.81
C PHE A 290 2.26 29.05 15.83
N ARG A 291 3.29 28.85 16.66
CA ARG A 291 4.43 29.76 16.72
C ARG A 291 5.73 29.01 16.62
N SER A 292 6.71 29.65 16.01
CA SER A 292 8.05 29.08 15.90
C SER A 292 8.66 29.01 17.30
N PRO A 293 9.65 28.12 17.51
CA PRO A 293 10.11 27.90 18.87
C PRO A 293 10.84 29.08 19.50
N ASP A 294 11.09 30.14 18.74
CA ASP A 294 11.65 31.38 19.27
C ASP A 294 10.61 32.50 19.36
N LYS A 295 9.35 32.15 19.12
CA LYS A 295 8.22 33.07 19.09
C LYS A 295 8.31 34.18 18.02
N LYS A 296 9.26 34.12 17.09
CA LYS A 296 9.34 35.13 16.02
C LYS A 296 8.24 35.06 14.94
N GLU A 297 7.69 33.88 14.63
CA GLU A 297 6.65 33.74 13.59
C GLU A 297 5.40 33.12 14.20
N ALA A 298 4.24 33.66 13.84
CA ALA A 298 2.92 33.09 14.20
C ALA A 298 2.02 32.93 12.99
N VAL A 299 1.46 31.73 12.79
CA VAL A 299 0.57 31.47 11.68
C VAL A 299 -0.72 30.91 12.22
N HIS A 300 -1.78 31.10 11.44
CA HIS A 300 -3.10 30.57 11.74
C HIS A 300 -3.14 29.21 11.07
N LEU A 301 -3.73 28.22 11.73
CA LEU A 301 -3.87 26.88 11.15
C LEU A 301 -4.58 27.01 9.87
N CYS A 302 -4.02 26.44 8.82
CA CYS A 302 -4.59 26.55 7.50
C CYS A 302 -4.19 25.32 6.69
N ILE A 303 -5.16 24.50 6.33
CA ILE A 303 -4.89 23.27 5.57
C ILE A 303 -4.56 23.59 4.10
N TYR A 304 -3.40 23.14 3.61
CA TYR A 304 -3.03 23.29 2.19
C TYR A 304 -3.00 21.94 1.50
N GLU A 305 -2.96 21.96 0.16
CA GLU A 305 -2.96 20.71 -0.60
C GLU A 305 -1.78 20.56 -1.53
N ARG A 306 -1.42 19.32 -1.81
CA ARG A 306 -0.39 18.96 -2.79
C ARG A 306 -0.92 17.94 -3.80
N ASN A 307 -0.56 18.11 -5.08
CA ASN A 307 -1.16 17.34 -6.20
C ASN A 307 -0.15 16.58 -7.04
N GLN A 308 -0.56 15.43 -7.56
CA GLN A 308 0.36 14.50 -8.23
C GLN A 308 -0.38 13.50 -9.12
N SER A 309 -0.54 13.83 -10.41
CA SER A 309 -1.12 12.89 -11.39
C SER A 309 -0.06 11.92 -11.93
N SER A 310 -0.50 10.71 -12.31
CA SER A 310 0.39 9.65 -12.79
C SER A 310 0.44 9.64 -14.32
N ALA A 318 -4.17 11.37 -10.64
CA ALA A 318 -4.02 10.68 -9.35
C ALA A 318 -4.21 11.64 -8.15
N ASN A 319 -3.98 11.16 -6.93
CA ASN A 319 -4.61 11.77 -5.74
C ASN A 319 -4.05 13.10 -5.22
N THR A 320 -4.92 13.80 -4.47
CA THR A 320 -4.60 15.01 -3.71
C THR A 320 -4.37 14.63 -2.24
N THR A 321 -3.46 15.36 -1.58
CA THR A 321 -3.24 15.18 -0.13
C THR A 321 -3.24 16.51 0.60
N PHE A 322 -3.62 16.45 1.87
CA PHE A 322 -3.74 17.62 2.70
C PHE A 322 -2.82 17.60 3.89
N HIS A 323 -2.39 18.80 4.23
CA HIS A 323 -1.24 19.06 5.08
C HIS A 323 -1.54 20.27 6.00
N VAL A 324 -1.07 20.22 7.24
CA VAL A 324 -1.19 21.32 8.15
C VAL A 324 0.08 22.15 8.04
N ASN A 325 -0.09 23.46 8.18
CA ASN A 325 1.00 24.45 8.03
C ASN A 325 1.62 24.94 9.36
N ASN A 326 1.63 24.11 10.40
CA ASN A 326 2.22 24.50 11.66
C ASN A 326 3.70 24.74 11.47
N ASN A 327 4.21 25.74 12.19
CA ASN A 327 5.62 26.16 12.12
C ASN A 327 6.33 25.91 13.44
N ASN A 328 5.89 24.90 14.18
CA ASN A 328 6.31 24.68 15.56
C ASN A 328 7.06 23.35 15.82
N GLY A 329 7.34 22.58 14.77
CA GLY A 329 8.05 21.30 14.91
C GLY A 329 7.24 20.06 15.16
N THR A 330 5.95 20.23 15.43
CA THR A 330 5.04 19.10 15.60
C THR A 330 4.78 18.48 14.22
N ILE A 331 4.69 17.16 14.14
CA ILE A 331 4.34 16.51 12.88
C ILE A 331 2.87 16.14 12.92
N PHE A 332 2.05 16.91 12.21
CA PHE A 332 0.65 16.54 12.00
C PHE A 332 0.66 15.47 10.92
N PHE A 333 0.27 14.26 11.25
CA PHE A 333 0.43 13.11 10.39
C PHE A 333 -0.92 12.45 10.17
N ASP A 334 -1.33 12.35 8.91
CA ASP A 334 -2.61 11.77 8.53
C ASP A 334 -2.44 10.35 7.97
N LEU A 335 -2.85 9.35 8.73
CA LEU A 335 -2.67 7.93 8.35
C LEU A 335 -3.34 7.52 7.04
N TYR A 336 -4.45 8.17 6.71
CA TYR A 336 -5.11 7.92 5.45
C TYR A 336 -4.18 8.17 4.28
N SER A 337 -3.70 9.39 4.13
CA SER A 337 -2.75 9.69 3.06
C SER A 337 -1.58 8.71 3.02
N PHE A 338 -0.99 8.46 4.18
CA PHE A 338 0.19 7.60 4.27
C PHE A 338 -0.09 6.18 3.79
N ILE A 339 -1.25 5.65 4.19
CA ILE A 339 -1.63 4.30 3.87
C ILE A 339 -1.96 4.15 2.39
N GLN A 340 -2.49 5.19 1.76
CA GLN A 340 -2.70 5.17 0.30
C GLN A 340 -1.36 5.15 -0.45
N LYS A 341 -0.45 6.04 -0.06
CA LYS A 341 0.92 6.06 -0.63
C LYS A 341 1.64 4.71 -0.51
N SER A 342 1.61 4.09 0.66
CA SER A 342 2.52 3.00 0.98
C SER A 342 1.95 1.57 0.88
N GLU A 343 0.69 1.41 0.49
CA GLU A 343 0.03 0.08 0.37
C GLU A 343 -0.99 0.04 -0.78
N LYS A 344 -1.04 -1.06 -1.52
CA LYS A 344 -2.07 -1.26 -2.53
C LYS A 344 -3.10 -2.18 -1.89
N LEU A 345 -4.30 -1.63 -1.70
CA LEU A 345 -5.37 -2.30 -0.99
C LEU A 345 -6.66 -2.06 -1.75
N ASP A 346 -7.62 -2.97 -1.59
CA ASP A 346 -8.92 -2.89 -2.26
C ASP A 346 -9.75 -1.73 -1.74
N SER A 347 -9.68 -1.52 -0.42
CA SER A 347 -10.38 -0.44 0.29
C SER A 347 -9.39 0.31 1.17
N TYR A 348 -9.58 1.62 1.26
CA TYR A 348 -8.86 2.48 2.20
C TYR A 348 -9.79 3.06 3.26
N LYS A 349 -10.88 2.35 3.56
CA LYS A 349 -11.75 2.67 4.69
C LYS A 349 -11.06 2.14 5.89
N LEU A 350 -11.31 2.79 7.01
CA LEU A 350 -10.67 2.44 8.24
C LEU A 350 -11.15 1.08 8.76
N ASP A 351 -12.40 0.65 8.50
CA ASP A 351 -12.89 -0.67 8.97
C ASP A 351 -12.12 -1.74 8.18
N SER A 352 -11.99 -1.56 6.87
CA SER A 352 -11.21 -2.49 6.05
C SER A 352 -9.74 -2.60 6.52
N ILE A 353 -9.08 -1.45 6.63
CA ILE A 353 -7.66 -1.41 7.03
C ILE A 353 -7.44 -2.09 8.40
N SER A 354 -8.40 -1.93 9.31
CA SER A 354 -8.32 -2.57 10.61
C SER A 354 -8.56 -4.05 10.60
N LYS A 355 -9.51 -4.49 9.76
CA LYS A 355 -9.81 -5.91 9.54
C LYS A 355 -8.54 -6.67 9.16
N ASN A 356 -7.86 -6.20 8.11
CA ASN A 356 -6.58 -6.77 7.67
C ASN A 356 -5.56 -6.82 8.78
N ALA A 357 -5.39 -5.70 9.46
CA ALA A 357 -4.29 -5.52 10.37
C ALA A 357 -4.46 -6.31 11.64
N PHE A 358 -5.68 -6.39 12.13
CA PHE A 358 -5.94 -6.92 13.48
C PHE A 358 -6.87 -8.13 13.41
N SER A 359 -6.27 -9.32 13.34
CA SER A 359 -6.98 -10.60 13.43
C SER A 359 -6.21 -11.66 14.19
N CYS A 360 -6.93 -12.65 14.70
CA CYS A 360 -6.38 -13.71 15.54
C CYS A 360 -7.25 -14.95 15.41
N MET A 361 -6.76 -16.06 15.97
CA MET A 361 -7.51 -17.31 15.97
C MET A 361 -8.05 -17.57 17.37
N GLY A 362 -9.35 -17.82 17.43
CA GLY A 362 -10.10 -17.91 18.68
C GLY A 362 -10.56 -19.33 18.98
N LYS A 363 -9.97 -19.93 20.00
CA LYS A 363 -10.36 -21.26 20.47
C LYS A 363 -11.58 -21.05 21.36
N VAL A 364 -12.61 -21.87 21.17
CA VAL A 364 -13.90 -21.68 21.83
C VAL A 364 -13.84 -22.23 23.26
N LEU A 365 -14.41 -21.51 24.23
CA LEU A 365 -14.54 -22.01 25.62
C LEU A 365 -15.99 -22.26 26.08
N ASN A 366 -16.98 -21.63 25.43
CA ASN A 366 -18.40 -21.83 25.74
C ASN A 366 -19.24 -21.65 24.47
N ARG A 367 -20.51 -22.05 24.57
CA ARG A 367 -21.42 -22.11 23.41
C ARG A 367 -22.84 -21.77 23.91
N GLY A 368 -23.82 -21.81 23.01
CA GLY A 368 -25.24 -21.63 23.38
C GLY A 368 -25.61 -20.27 23.92
N VAL A 369 -26.78 -20.17 24.55
CA VAL A 369 -27.48 -18.88 24.85
C VAL A 369 -27.43 -18.01 23.55
N ARG A 370 -27.14 -16.70 23.59
CA ARG A 370 -26.76 -15.94 22.36
C ARG A 370 -25.32 -15.41 22.47
N GLU A 371 -24.46 -16.21 23.11
CA GLU A 371 -23.14 -15.79 23.56
C GLU A 371 -22.10 -16.88 23.31
N MET A 372 -21.33 -16.77 22.23
CA MET A 372 -20.09 -17.54 22.11
C MET A 372 -19.03 -16.97 23.05
N THR A 373 -17.97 -17.75 23.27
CA THR A 373 -16.81 -17.28 24.03
C THR A 373 -15.59 -17.81 23.32
N PHE A 374 -14.52 -17.00 23.28
CA PHE A 374 -13.25 -17.41 22.68
C PHE A 374 -12.08 -17.05 23.56
N ILE A 375 -10.98 -17.75 23.35
CA ILE A 375 -9.68 -17.38 23.89
C ILE A 375 -8.72 -17.32 22.71
N GLY A 376 -7.75 -16.40 22.80
CA GLY A 376 -6.63 -16.32 21.88
C GLY A 376 -5.37 -16.18 22.71
N ASP A 377 -4.28 -16.80 22.25
CA ASP A 377 -2.97 -16.74 22.91
C ASP A 377 -1.87 -17.28 21.98
N ASP A 378 -0.66 -17.45 22.53
CA ASP A 378 0.47 -18.04 21.78
C ASP A 378 0.11 -19.42 21.23
N THR A 379 -0.59 -20.22 22.05
CA THR A 379 -1.05 -21.56 21.64
C THR A 379 -1.99 -21.51 20.42
N THR A 380 -2.84 -20.47 20.37
CA THR A 380 -3.97 -20.42 19.43
C THR A 380 -3.71 -19.96 18.01
N ASP A 381 -2.66 -19.16 17.78
CA ASP A 381 -2.37 -18.72 16.42
C ASP A 381 -0.88 -18.72 16.13
N ALA A 382 -0.18 -17.78 16.75
CA ALA A 382 1.18 -17.47 16.39
C ALA A 382 1.67 -16.57 17.50
N LYS A 383 2.98 -16.51 17.70
CA LYS A 383 3.52 -15.84 18.88
C LYS A 383 3.15 -14.35 18.83
N GLY A 384 2.53 -13.86 19.91
CA GLY A 384 2.13 -12.44 20.03
C GLY A 384 1.18 -11.82 18.99
N LYS A 385 0.44 -12.65 18.26
CA LYS A 385 -0.57 -12.18 17.31
C LYS A 385 -1.85 -11.92 18.09
N ALA A 386 -2.11 -12.77 19.08
CA ALA A 386 -3.13 -12.51 20.10
C ALA A 386 -2.80 -11.29 20.93
N ALA A 387 -1.54 -11.17 21.34
CA ALA A 387 -1.07 -9.99 22.10
C ALA A 387 -1.48 -8.68 21.41
N ALA A 388 -1.26 -8.62 20.10
CA ALA A 388 -1.66 -7.49 19.25
C ALA A 388 -3.17 -7.28 19.20
N PHE A 389 -3.92 -8.37 19.10
CA PHE A 389 -5.39 -8.30 19.14
C PHE A 389 -5.88 -7.81 20.50
N ALA A 390 -5.29 -8.34 21.56
CA ALA A 390 -5.65 -7.98 22.94
C ALA A 390 -5.53 -6.49 23.20
N LYS A 391 -4.48 -5.87 22.67
CA LYS A 391 -4.27 -4.42 22.80
C LYS A 391 -5.44 -3.65 22.15
N VAL A 392 -5.89 -4.09 20.98
CA VAL A 392 -7.01 -3.40 20.31
C VAL A 392 -8.34 -3.60 21.07
N LEU A 393 -8.49 -4.74 21.75
CA LEU A 393 -9.70 -5.05 22.51
C LEU A 393 -9.92 -4.14 23.71
N THR A 394 -8.85 -3.57 24.25
CA THR A 394 -8.97 -2.62 25.35
C THR A 394 -10.06 -1.57 25.10
N THR A 395 -10.16 -1.09 23.85
CA THR A 395 -11.13 -0.05 23.44
C THR A 395 -12.13 -0.49 22.38
N GLY A 396 -11.90 -1.63 21.72
CA GLY A 396 -12.82 -2.15 20.71
C GLY A 396 -14.08 -2.67 21.35
N ASN A 397 -15.22 -2.44 20.69
CA ASN A 397 -16.53 -2.92 21.18
C ASN A 397 -17.28 -3.88 20.23
N TYR A 398 -16.78 -4.09 18.99
CA TYR A 398 -17.31 -5.11 18.07
C TYR A 398 -16.20 -5.90 17.42
N VAL A 399 -16.22 -7.23 17.63
CA VAL A 399 -15.36 -8.20 16.91
C VAL A 399 -16.16 -8.81 15.77
N THR A 400 -15.46 -9.21 14.71
CA THR A 400 -16.06 -9.85 13.55
C THR A 400 -15.54 -11.28 13.48
N VAL A 401 -16.41 -12.24 13.77
CA VAL A 401 -16.05 -13.66 13.71
C VAL A 401 -16.17 -14.16 12.28
N ASP A 402 -15.19 -14.97 11.87
CA ASP A 402 -15.15 -15.69 10.59
C ASP A 402 -15.65 -14.85 9.40
N GLU A 403 -15.03 -13.68 9.24
CA GLU A 403 -15.15 -12.88 8.02
C GLU A 403 -16.52 -12.25 7.75
N ASP A 404 -17.49 -12.42 8.66
CA ASP A 404 -18.93 -12.19 8.35
C ASP A 404 -19.78 -11.74 9.53
N ILE A 405 -19.73 -12.53 10.61
CA ILE A 405 -20.57 -12.33 11.79
C ILE A 405 -20.05 -11.15 12.62
N ILE A 406 -20.65 -9.98 12.40
CA ILE A 406 -20.39 -8.80 13.22
C ILE A 406 -21.11 -8.98 14.54
N CYS A 407 -20.42 -8.76 15.66
CA CYS A 407 -21.07 -8.93 16.97
C CYS A 407 -20.44 -8.15 18.12
N LYS A 408 -21.30 -7.65 19.01
CA LYS A 408 -20.92 -6.81 20.13
C LYS A 408 -20.20 -7.61 21.23
N VAL A 409 -19.22 -6.99 21.89
CA VAL A 409 -18.52 -7.60 23.01
C VAL A 409 -19.47 -7.50 24.23
N ILE A 410 -19.39 -8.50 25.11
CA ILE A 410 -20.15 -8.51 26.37
C ILE A 410 -19.22 -8.41 27.57
N ARG A 411 -18.05 -9.05 27.49
CA ARG A 411 -17.00 -8.92 28.51
C ARG A 411 -15.66 -9.27 27.87
N LYS A 412 -14.58 -8.88 28.53
CA LYS A 412 -13.24 -9.14 28.06
C LYS A 412 -12.28 -9.35 29.21
N ASP A 413 -11.35 -10.29 29.05
CA ASP A 413 -10.20 -10.41 29.96
C ASP A 413 -8.91 -10.37 29.12
N ILE A 414 -7.97 -9.53 29.55
CA ILE A 414 -6.83 -9.15 28.73
C ILE A 414 -5.57 -9.25 29.58
N TRP A 415 -4.56 -9.97 29.12
CA TRP A 415 -3.22 -9.96 29.74
C TRP A 415 -2.19 -9.64 28.65
N GLU A 416 -0.89 -9.58 29.00
CA GLU A 416 0.15 -9.19 28.03
C GLU A 416 0.27 -10.07 26.78
N ASN A 417 -0.20 -11.32 26.85
CA ASN A 417 -0.11 -12.24 25.72
C ASN A 417 -1.39 -12.80 25.11
N GLY A 418 -2.52 -12.65 25.80
CA GLY A 418 -3.77 -13.28 25.37
C GLY A 418 -5.05 -12.58 25.84
N PHE A 419 -6.16 -13.04 25.28
CA PHE A 419 -7.45 -12.44 25.59
C PHE A 419 -8.54 -13.50 25.59
N LYS A 420 -9.44 -13.40 26.57
CA LYS A 420 -10.68 -14.17 26.60
C LYS A 420 -11.79 -13.17 26.33
N VAL A 421 -12.69 -13.48 25.40
CA VAL A 421 -13.66 -12.49 24.93
C VAL A 421 -15.00 -13.14 24.58
N VAL A 422 -16.08 -12.64 25.19
CA VAL A 422 -17.43 -13.24 25.06
C VAL A 422 -18.33 -12.31 24.22
N LEU A 423 -18.86 -12.83 23.13
CA LEU A 423 -19.45 -12.02 22.04
C LEU A 423 -20.91 -12.38 21.79
N LEU A 424 -21.67 -11.42 21.29
CA LEU A 424 -23.11 -11.57 21.05
C LEU A 424 -23.37 -12.00 19.62
N CYS A 425 -23.18 -13.29 19.38
CA CYS A 425 -23.44 -13.87 18.07
C CYS A 425 -24.32 -15.12 18.15
N PRO A 426 -24.75 -15.61 16.97
CA PRO A 426 -25.21 -16.99 16.73
C PRO A 426 -24.20 -18.07 17.18
N THR A 427 -24.29 -19.27 16.62
CA THR A 427 -23.50 -20.40 17.09
C THR A 427 -23.30 -21.42 15.95
N LEU A 428 -22.05 -21.90 15.76
CA LEU A 428 -21.73 -23.09 14.91
C LEU A 428 -20.44 -23.76 15.42
N PRO A 429 -20.39 -24.07 16.74
CA PRO A 429 -19.11 -24.20 17.46
C PRO A 429 -18.15 -25.31 17.01
N ASN A 430 -17.30 -24.96 16.05
CA ASN A 430 -16.05 -25.68 15.81
C ASN A 430 -15.10 -25.36 16.97
N ASP A 431 -14.02 -26.14 17.06
CA ASP A 431 -12.93 -25.84 18.00
C ASP A 431 -12.34 -24.42 17.84
N THR A 432 -12.21 -23.95 16.60
CA THR A 432 -11.48 -22.70 16.30
C THR A 432 -12.22 -21.81 15.28
N TYR A 433 -11.98 -20.50 15.37
CA TYR A 433 -12.51 -19.51 14.42
C TYR A 433 -11.62 -18.28 14.32
N LYS A 434 -11.77 -17.54 13.22
CA LYS A 434 -11.02 -16.31 12.97
C LYS A 434 -11.73 -15.06 13.53
N LEU A 435 -11.03 -14.28 14.37
CA LEU A 435 -11.53 -13.02 14.93
C LEU A 435 -10.91 -11.79 14.27
N SER A 436 -11.74 -10.87 13.79
CA SER A 436 -11.29 -9.66 13.09
C SER A 436 -11.72 -8.44 13.86
N PHE A 437 -10.83 -7.45 13.93
CA PHE A 437 -11.14 -6.17 14.53
C PHE A 437 -11.41 -5.10 13.48
N GLY A 438 -11.56 -3.89 13.98
CA GLY A 438 -12.01 -2.77 13.22
C GLY A 438 -12.88 -1.96 14.12
N LYS A 439 -13.53 -0.97 13.52
CA LYS A 439 -14.35 0.01 14.23
C LYS A 439 -15.32 -0.56 15.28
N ASP A 440 -16.16 0.32 15.80
CA ASP A 440 -17.49 -0.07 16.22
C ASP A 440 -18.40 0.24 15.02
N ASP A 441 -18.88 -0.80 14.33
CA ASP A 441 -19.82 -0.59 13.21
C ASP A 441 -21.16 -0.11 13.81
N VAL A 442 -21.84 0.81 13.11
CA VAL A 442 -23.19 1.27 13.46
C VAL A 442 -23.95 1.84 12.29
N ASP A 443 -25.16 2.29 12.59
CA ASP A 443 -25.87 3.26 11.80
C ASP A 443 -25.82 4.60 12.57
N LEU A 444 -24.88 5.46 12.20
CA LEU A 444 -24.76 6.76 12.85
C LEU A 444 -25.98 7.63 12.62
N ALA A 445 -26.38 7.76 11.38
CA ALA A 445 -27.49 8.64 10.97
C ALA A 445 -28.76 8.44 11.79
N GLN A 446 -29.05 7.17 12.09
CA GLN A 446 -30.15 6.84 12.97
C GLN A 446 -29.90 7.27 14.42
N MET A 447 -28.73 6.92 14.95
CA MET A 447 -28.33 7.29 16.31
C MET A 447 -28.52 8.81 16.52
N TYR A 448 -28.07 9.61 15.55
CA TYR A 448 -28.24 11.05 15.65
C TYR A 448 -29.69 11.49 15.65
N LYS A 449 -30.54 10.80 14.90
CA LYS A 449 -32.00 11.08 14.81
C LYS A 449 -32.73 10.84 16.15
N ASP A 450 -32.38 9.76 16.83
CA ASP A 450 -32.97 9.34 18.11
C ASP A 450 -32.13 9.75 19.35
N TYR A 451 -31.31 10.77 19.20
CA TYR A 451 -30.19 11.01 20.12
C TYR A 451 -30.66 11.14 21.57
N ASN A 452 -30.01 10.38 22.45
CA ASN A 452 -30.32 10.35 23.86
C ASN A 452 -29.02 10.06 24.60
N LEU A 453 -29.06 9.99 25.93
CA LEU A 453 -27.85 9.80 26.71
C LEU A 453 -27.14 8.47 26.40
N ASN A 454 -27.87 7.37 26.39
CA ASN A 454 -27.26 6.07 26.09
C ASN A 454 -26.62 5.99 24.68
N ILE A 455 -27.16 6.72 23.72
CA ILE A 455 -26.55 6.81 22.40
C ILE A 455 -25.27 7.66 22.44
N ALA A 456 -25.36 8.82 23.08
CA ALA A 456 -24.20 9.68 23.24
C ALA A 456 -23.03 8.95 23.90
N LEU A 457 -23.32 8.13 24.89
CA LEU A 457 -22.29 7.28 25.51
C LEU A 457 -21.78 6.20 24.57
N ASP A 458 -22.65 5.61 23.76
CA ASP A 458 -22.21 4.61 22.77
C ASP A 458 -21.28 5.29 21.76
N MET A 459 -21.71 6.43 21.22
CA MET A 459 -20.88 7.22 20.28
C MET A 459 -19.52 7.58 20.89
N ALA A 460 -19.48 7.89 22.18
CA ALA A 460 -18.23 8.16 22.86
C ALA A 460 -17.31 6.93 22.82
N ARG A 461 -17.86 5.76 23.15
CA ARG A 461 -17.11 4.51 23.04
C ARG A 461 -16.59 4.27 21.61
N TYR A 462 -17.41 4.65 20.64
CA TYR A 462 -17.14 4.47 19.21
CA TYR A 462 -17.08 4.41 19.25
C TYR A 462 -15.96 5.39 18.83
N CYS A 463 -16.08 6.65 19.25
CA CYS A 463 -15.18 7.71 18.84
C CYS A 463 -13.82 7.60 19.50
N ILE A 464 -13.76 7.21 20.76
CA ILE A 464 -12.47 6.93 21.40
C ILE A 464 -11.74 5.79 20.69
N HIS A 465 -12.49 4.80 20.22
CA HIS A 465 -11.88 3.67 19.53
C HIS A 465 -11.26 4.10 18.20
N ASP A 466 -11.94 4.98 17.45
CA ASP A 466 -11.36 5.53 16.21
C ASP A 466 -10.04 6.30 16.44
N ALA A 467 -9.92 6.95 17.60
CA ALA A 467 -8.69 7.63 17.98
C ALA A 467 -7.63 6.59 18.27
N CYS A 468 -7.96 5.65 19.14
CA CYS A 468 -7.06 4.57 19.46
C CYS A 468 -6.71 3.68 18.26
N LEU A 469 -7.59 3.56 17.26
CA LEU A 469 -7.20 2.86 16.03
C LEU A 469 -6.04 3.52 15.33
N CYS A 470 -5.97 4.84 15.38
CA CYS A 470 -4.83 5.51 14.85
C CYS A 470 -3.54 5.11 15.55
N GLN A 471 -3.54 5.00 16.88
CA GLN A 471 -2.30 4.58 17.56
C GLN A 471 -1.99 3.11 17.28
N TYR A 472 -3.02 2.26 17.20
CA TYR A 472 -2.80 0.86 16.85
C TYR A 472 -2.22 0.71 15.42
N LEU A 473 -2.78 1.44 14.46
CA LEU A 473 -2.24 1.43 13.09
C LEU A 473 -0.85 2.00 13.00
N TRP A 474 -0.63 3.10 13.68
CA TRP A 474 0.69 3.72 13.78
C TRP A 474 1.74 2.74 14.27
N GLU A 475 1.39 1.91 15.26
CA GLU A 475 2.27 0.82 15.74
C GLU A 475 2.43 -0.17 14.58
N TYR A 476 1.32 -0.68 14.06
CA TYR A 476 1.34 -1.80 13.09
C TYR A 476 2.13 -1.47 11.82
N TYR A 477 1.91 -0.28 11.28
CA TYR A 477 2.62 0.19 10.10
C TYR A 477 4.02 0.73 10.35
N GLY A 478 4.44 0.83 11.62
CA GLY A 478 5.79 1.28 11.99
C GLY A 478 6.16 2.66 11.48
N VAL A 479 5.23 3.58 11.57
CA VAL A 479 5.41 4.88 10.94
C VAL A 479 6.58 5.66 11.52
N GLU A 480 6.75 5.56 12.83
CA GLU A 480 7.79 6.34 13.50
C GLU A 480 9.16 6.02 12.90
N THR A 481 9.49 4.74 12.83
CA THR A 481 10.78 4.31 12.30
C THR A 481 10.88 4.51 10.78
N LYS A 482 9.79 4.29 10.07
CA LYS A 482 9.77 4.62 8.65
C LYS A 482 10.05 6.09 8.37
N THR A 483 9.59 6.97 9.26
CA THR A 483 9.82 8.40 9.09
C THR A 483 11.29 8.71 9.26
N ASP A 484 11.88 8.14 10.31
CA ASP A 484 13.29 8.33 10.60
C ASP A 484 14.15 7.71 9.50
N ALA A 485 13.80 6.50 9.07
CA ALA A 485 14.54 5.83 7.98
C ALA A 485 14.45 6.67 6.70
N GLY A 486 13.23 7.07 6.35
CA GLY A 486 13.01 8.00 5.26
C GLY A 486 13.87 9.25 5.36
N ALA A 487 13.92 9.84 6.55
CA ALA A 487 14.69 11.07 6.72
C ALA A 487 16.18 10.85 6.43
N SER A 488 16.70 9.72 6.90
CA SER A 488 18.10 9.39 6.70
C SER A 488 18.39 9.19 5.20
N THR A 489 17.61 8.29 4.58
CA THR A 489 17.81 7.88 3.21
C THR A 489 17.55 8.97 2.18
N TYR A 490 16.46 9.70 2.34
CA TYR A 490 16.06 10.75 1.38
C TYR A 490 16.72 12.11 1.64
N VAL A 491 17.43 12.20 2.76
CA VAL A 491 18.16 13.40 3.17
C VAL A 491 17.18 14.56 3.29
N LEU A 492 16.18 14.34 4.13
CA LEU A 492 15.05 15.25 4.30
C LEU A 492 14.60 15.33 5.73
N PRO A 493 13.94 16.43 6.09
CA PRO A 493 13.21 16.49 7.37
C PRO A 493 12.15 15.39 7.50
N GLN A 494 12.03 14.86 8.71
CA GLN A 494 11.03 13.84 9.03
C GLN A 494 9.60 14.19 8.56
N SER A 495 9.29 15.46 8.62
CA SER A 495 7.98 15.96 8.27
C SER A 495 7.76 16.00 6.79
N MET A 496 8.83 16.00 6.01
CA MET A 496 8.72 16.02 4.56
C MET A 496 8.75 14.63 3.91
N VAL A 497 9.11 13.62 4.67
CA VAL A 497 9.29 12.28 4.13
C VAL A 497 8.05 11.75 3.43
N PHE A 498 6.92 11.75 4.11
CA PHE A 498 5.65 11.30 3.53
C PHE A 498 4.76 12.44 3.03
N GLU A 499 5.30 13.66 2.97
CA GLU A 499 4.59 14.75 2.32
C GLU A 499 5.00 14.88 0.87
N TYR A 500 6.31 14.92 0.60
CA TYR A 500 6.79 15.01 -0.75
C TYR A 500 6.58 13.68 -1.49
N ARG A 501 6.44 13.82 -2.79
CA ARG A 501 6.24 12.70 -3.68
C ARG A 501 7.59 12.02 -4.07
N ALA A 502 7.51 10.89 -4.78
CA ALA A 502 8.70 10.10 -5.14
C ALA A 502 9.78 10.80 -6.03
N SER A 503 9.35 11.69 -6.91
CA SER A 503 10.33 12.49 -7.68
C SER A 503 11.08 13.50 -6.85
N THR A 504 10.61 13.83 -5.66
CA THR A 504 11.37 14.75 -4.81
C THR A 504 12.24 14.01 -3.80
N VAL A 505 11.75 12.89 -3.26
CA VAL A 505 12.56 12.17 -2.24
C VAL A 505 13.84 11.51 -2.77
N ILE A 506 13.83 11.08 -4.03
CA ILE A 506 15.02 10.57 -4.72
C ILE A 506 16.17 11.59 -4.87
N LYS A 507 15.85 12.87 -4.85
CA LYS A 507 16.86 13.89 -5.10
C LYS A 507 18.01 14.00 -4.12
N GLY A 508 17.78 13.70 -2.85
CA GLY A 508 18.89 13.75 -1.87
C GLY A 508 19.98 12.77 -2.18
N PRO A 509 19.62 11.48 -2.26
CA PRO A 509 20.65 10.49 -2.53
C PRO A 509 21.22 10.61 -3.93
N LEU A 510 20.43 11.12 -4.87
CA LEU A 510 20.97 11.45 -6.20
C LEU A 510 22.04 12.51 -6.08
N LEU A 511 21.75 13.59 -5.34
CA LEU A 511 22.69 14.72 -5.23
C LEU A 511 23.97 14.20 -4.64
N LYS A 512 23.87 13.35 -3.62
CA LYS A 512 25.07 12.83 -3.00
C LYS A 512 25.95 12.07 -3.99
N LEU A 513 25.32 11.21 -4.78
CA LEU A 513 26.00 10.43 -5.81
C LEU A 513 26.64 11.30 -6.90
N LEU A 514 25.91 12.29 -7.39
CA LEU A 514 26.51 13.22 -8.34
C LEU A 514 27.76 13.92 -7.81
N LEU A 515 27.71 14.31 -6.54
CA LEU A 515 28.88 14.89 -5.86
C LEU A 515 30.01 13.86 -5.78
N GLU A 516 29.70 12.67 -5.31
CA GLU A 516 30.69 11.61 -5.21
C GLU A 516 31.28 11.30 -6.59
N THR A 517 30.48 11.22 -7.64
CA THR A 517 31.02 10.86 -8.96
C THR A 517 31.46 12.08 -9.77
N LYS A 518 31.45 13.27 -9.17
CA LYS A 518 31.91 14.50 -9.78
C LYS A 518 31.29 14.74 -11.15
N THR A 519 29.98 14.67 -11.17
CA THR A 519 29.20 14.63 -12.40
C THR A 519 28.00 15.53 -12.31
N ILE A 520 27.71 16.25 -13.39
CA ILE A 520 26.51 17.06 -13.50
C ILE A 520 25.81 16.72 -14.82
N LEU A 521 24.50 16.51 -14.74
CA LEU A 521 23.71 16.12 -15.89
C LEU A 521 22.78 17.26 -16.31
N VAL A 522 22.89 17.70 -17.54
CA VAL A 522 22.23 18.91 -18.03
C VAL A 522 21.43 18.57 -19.24
N ARG A 523 20.19 19.00 -19.26
CA ARG A 523 19.31 18.82 -20.37
C ARG A 523 19.19 20.20 -20.94
N SER A 524 19.63 20.39 -22.17
CA SER A 524 19.60 21.70 -22.78
C SER A 524 18.38 21.94 -23.62
N GLU A 525 17.45 21.00 -23.65
CA GLU A 525 16.29 21.21 -24.47
C GLU A 525 14.99 20.76 -23.87
N THR A 526 13.89 21.29 -24.39
CA THR A 526 12.56 20.88 -23.96
C THR A 526 12.52 19.38 -24.22
N LYS A 527 12.00 18.64 -23.24
CA LYS A 527 11.82 17.20 -23.37
C LYS A 527 10.55 17.04 -24.21
N GLN A 528 10.60 16.16 -25.20
CA GLN A 528 9.41 15.85 -25.98
C GLN A 528 8.49 14.93 -25.14
N LYS A 529 7.21 14.92 -25.51
CA LYS A 529 6.15 14.27 -24.71
C LYS A 529 5.71 12.91 -25.27
N PHE A 530 5.41 12.02 -24.33
CA PHE A 530 5.33 10.54 -24.44
C PHE A 530 6.08 10.02 -23.15
N PRO A 531 5.59 8.94 -22.48
CA PRO A 531 6.46 8.41 -21.38
C PRO A 531 6.99 6.91 -21.32
N TYR A 532 6.44 5.95 -22.10
CA TYR A 532 6.53 4.42 -21.95
C TYR A 532 5.12 3.75 -21.71
N GLU A 533 4.04 4.54 -21.85
CA GLU A 533 2.64 4.10 -21.71
C GLU A 533 2.37 2.85 -22.53
N GLY A 534 1.36 2.08 -22.12
CA GLY A 534 1.08 0.81 -22.79
C GLY A 534 -0.03 -0.03 -22.18
N GLY A 535 -0.09 -0.05 -20.84
CA GLY A 535 -1.14 -0.73 -20.08
C GLY A 535 -1.13 -2.24 -20.24
N LYS A 536 0.06 -2.84 -20.37
CA LYS A 536 0.21 -4.28 -20.56
C LYS A 536 -0.32 -5.03 -19.33
N VAL A 537 -1.33 -5.89 -19.55
CA VAL A 537 -1.94 -6.72 -18.48
C VAL A 537 -1.99 -8.19 -18.92
N PHE A 538 -1.98 -9.10 -17.93
CA PHE A 538 -1.50 -10.46 -18.14
C PHE A 538 -2.52 -11.57 -17.87
N ALA A 539 -2.71 -12.38 -18.90
CA ALA A 539 -3.78 -13.38 -18.96
C ALA A 539 -3.22 -14.81 -18.89
N PRO A 540 -3.55 -15.58 -17.84
CA PRO A 540 -3.13 -16.99 -17.74
C PRO A 540 -3.57 -17.84 -18.92
N LYS A 541 -2.72 -18.78 -19.35
CA LYS A 541 -3.03 -19.73 -20.47
C LYS A 541 -4.36 -20.49 -20.28
N GLN A 542 -4.62 -20.90 -19.03
CA GLN A 542 -5.91 -21.41 -18.61
C GLN A 542 -6.14 -21.03 -17.14
N LYS A 543 -7.41 -21.11 -16.67
CA LYS A 543 -7.78 -20.70 -15.31
C LYS A 543 -7.70 -21.77 -14.25
N MET A 544 -8.26 -22.95 -14.54
CA MET A 544 -8.30 -24.04 -13.56
C MET A 544 -7.05 -24.91 -13.70
N PHE A 545 -6.50 -25.35 -12.56
CA PHE A 545 -5.32 -26.22 -12.57
C PHE A 545 -5.53 -27.50 -11.77
N SER A 546 -5.58 -28.62 -12.50
CA SER A 546 -5.49 -29.97 -11.92
C SER A 546 -4.18 -30.15 -11.17
N ASN A 547 -3.10 -29.63 -11.74
CA ASN A 547 -1.76 -29.83 -11.18
C ASN A 547 -1.25 -28.64 -10.37
N ASN A 548 -0.22 -28.95 -9.57
CA ASN A 548 0.52 -27.95 -8.85
C ASN A 548 1.08 -26.90 -9.82
N VAL A 549 1.32 -25.71 -9.31
CA VAL A 549 1.95 -24.66 -10.10
C VAL A 549 3.13 -24.06 -9.32
N LEU A 550 4.29 -24.07 -9.95
CA LEU A 550 5.49 -23.56 -9.33
C LEU A 550 5.59 -22.05 -9.58
N ILE A 551 5.91 -21.28 -8.55
CA ILE A 551 5.98 -19.81 -8.63
C ILE A 551 7.43 -19.35 -8.50
N PHE A 552 7.91 -18.65 -9.53
CA PHE A 552 9.26 -18.13 -9.54
C PHE A 552 9.19 -16.62 -9.73
N ASP A 553 9.91 -15.89 -8.87
CA ASP A 553 10.04 -14.44 -8.95
C ASP A 553 11.46 -14.08 -9.35
N TYR A 554 11.64 -13.25 -10.37
CA TYR A 554 12.91 -12.55 -10.57
C TYR A 554 13.22 -11.69 -9.36
N ASN A 555 14.48 -11.57 -8.99
CA ASN A 555 14.86 -10.70 -7.88
C ASN A 555 15.07 -9.27 -8.35
N SER A 556 14.17 -8.35 -7.98
CA SER A 556 14.30 -6.92 -8.30
C SER A 556 14.71 -6.69 -9.74
N LEU A 557 13.80 -7.07 -10.62
CA LEU A 557 14.11 -7.15 -12.02
C LEU A 557 14.56 -5.82 -12.65
N TYR A 558 13.76 -4.78 -12.54
CA TYR A 558 14.11 -3.53 -13.20
C TYR A 558 15.36 -2.85 -12.66
N PRO A 559 15.60 -2.91 -11.33
CA PRO A 559 16.91 -2.45 -10.86
C PRO A 559 18.06 -3.23 -11.49
N ASN A 560 17.93 -4.55 -11.56
CA ASN A 560 18.99 -5.37 -12.12
C ASN A 560 19.11 -5.23 -13.66
N VAL A 561 17.97 -5.04 -14.34
CA VAL A 561 17.99 -4.73 -15.75
C VAL A 561 18.81 -3.47 -15.99
N CYS A 562 18.61 -2.42 -15.18
CA CYS A 562 19.34 -1.17 -15.43
C CYS A 562 20.81 -1.34 -15.20
N ILE A 563 21.15 -2.15 -14.17
CA ILE A 563 22.53 -2.46 -13.85
C ILE A 563 23.18 -3.24 -14.99
N PHE A 564 22.55 -4.33 -15.41
CA PHE A 564 23.01 -5.16 -16.53
C PHE A 564 23.27 -4.39 -17.81
N GLY A 565 22.30 -3.57 -18.19
CA GLY A 565 22.38 -2.82 -19.41
C GLY A 565 23.15 -1.52 -19.28
N ASN A 566 23.43 -1.09 -18.06
CA ASN A 566 24.06 0.21 -17.78
C ASN A 566 23.24 1.36 -18.33
N LEU A 567 21.95 1.27 -18.12
CA LEU A 567 20.98 2.16 -18.74
C LEU A 567 20.94 3.42 -17.90
N SER A 568 21.32 4.52 -18.52
CA SER A 568 21.32 5.82 -17.86
C SER A 568 21.34 6.84 -19.00
N PRO A 569 20.74 8.01 -18.81
CA PRO A 569 20.65 8.96 -19.90
C PRO A 569 21.97 9.39 -20.55
N GLU A 570 23.07 9.29 -19.79
CA GLU A 570 24.41 9.70 -20.22
C GLU A 570 25.28 8.57 -20.72
N THR A 571 24.91 7.34 -20.44
CA THR A 571 25.55 6.17 -21.07
C THR A 571 24.88 5.77 -22.40
N LEU A 572 23.79 6.44 -22.76
CA LEU A 572 23.15 6.23 -24.04
C LEU A 572 24.00 6.89 -25.12
N VAL A 573 24.55 6.06 -26.01
CA VAL A 573 25.33 6.53 -27.14
C VAL A 573 24.41 7.18 -28.17
N GLY A 574 23.27 6.56 -28.41
CA GLY A 574 22.29 7.08 -29.34
C GLY A 574 21.13 6.13 -29.52
N VAL A 575 20.17 6.58 -30.33
CA VAL A 575 19.04 5.78 -30.72
C VAL A 575 19.06 5.73 -32.25
N VAL A 576 19.03 4.53 -32.82
CA VAL A 576 19.05 4.34 -34.27
C VAL A 576 17.71 3.78 -34.75
N VAL A 577 16.97 4.63 -35.46
CA VAL A 577 15.66 4.28 -36.01
C VAL A 577 15.69 4.04 -37.52
N SER A 578 14.64 3.37 -37.99
CA SER A 578 14.55 2.90 -39.37
C SER A 578 13.11 2.89 -39.82
N THR A 579 12.86 3.30 -41.07
CA THR A 579 11.49 3.35 -41.62
C THR A 579 11.16 2.25 -42.61
N ASN A 580 12.15 1.42 -42.96
CA ASN A 580 11.95 0.33 -43.90
C ASN A 580 13.02 -0.71 -43.63
N ARG A 581 12.86 -1.88 -44.23
CA ARG A 581 13.69 -3.02 -43.87
C ARG A 581 15.08 -2.90 -44.45
N LEU A 582 15.26 -2.11 -45.52
CA LEU A 582 16.59 -1.88 -46.08
C LEU A 582 17.47 -1.07 -45.12
N GLU A 583 16.95 0.08 -44.64
CA GLU A 583 17.62 0.83 -43.58
C GLU A 583 17.80 0.00 -42.30
N GLU A 584 16.75 -0.68 -41.86
CA GLU A 584 16.82 -1.57 -40.70
C GLU A 584 18.00 -2.55 -40.81
N GLU A 585 18.20 -3.15 -41.98
CA GLU A 585 19.25 -4.14 -42.18
C GLU A 585 20.64 -3.51 -42.29
N ILE A 586 20.76 -2.40 -43.03
CA ILE A 586 22.07 -1.78 -43.15
C ILE A 586 22.51 -1.32 -41.76
N ASN A 587 21.59 -0.62 -41.08
CA ASN A 587 21.84 -0.12 -39.74
C ASN A 587 22.20 -1.23 -38.76
N ASN A 588 21.58 -2.39 -38.86
CA ASN A 588 21.87 -3.47 -37.91
C ASN A 588 23.26 -4.00 -38.11
N GLN A 589 23.68 -4.10 -39.36
CA GLN A 589 24.99 -4.66 -39.62
C GLN A 589 26.07 -3.61 -39.32
N LEU A 590 25.77 -2.33 -39.52
CA LEU A 590 26.72 -1.27 -39.11
C LEU A 590 26.85 -1.17 -37.58
N LEU A 591 25.71 -1.14 -36.88
CA LEU A 591 25.63 -1.28 -35.41
C LEU A 591 26.58 -2.30 -34.83
N LEU A 592 26.49 -3.48 -35.37
CA LEU A 592 27.24 -4.59 -34.87
C LEU A 592 28.74 -4.40 -35.11
N GLN A 593 29.13 -3.70 -36.16
CA GLN A 593 30.56 -3.45 -36.42
C GLN A 593 31.07 -2.32 -35.53
N LYS A 594 30.36 -1.21 -35.55
CA LYS A 594 30.76 -0.03 -34.77
C LYS A 594 30.57 -0.15 -33.22
N TYR A 595 29.62 -0.95 -32.74
CA TYR A 595 29.25 -0.96 -31.31
C TYR A 595 29.01 -2.38 -30.83
N PRO A 596 30.07 -3.19 -30.84
CA PRO A 596 29.94 -4.62 -30.52
C PRO A 596 29.82 -4.94 -29.05
N PRO A 597 29.22 -6.10 -28.75
CA PRO A 597 29.25 -6.59 -27.38
C PRO A 597 30.66 -7.02 -27.02
N PRO A 598 31.01 -7.15 -25.76
CA PRO A 598 30.13 -6.90 -24.61
C PRO A 598 30.17 -5.47 -24.12
N ARG A 599 31.01 -4.62 -24.71
CA ARG A 599 31.10 -3.25 -24.23
C ARG A 599 29.80 -2.47 -24.41
N TYR A 600 29.16 -2.64 -25.56
CA TYR A 600 27.89 -1.99 -25.85
C TYR A 600 26.79 -3.02 -25.88
N ILE A 601 25.62 -2.62 -25.41
CA ILE A 601 24.44 -3.45 -25.53
C ILE A 601 23.52 -2.64 -26.43
N THR A 602 22.73 -3.30 -27.28
CA THR A 602 21.81 -2.61 -28.18
C THR A 602 20.44 -3.18 -27.93
N VAL A 603 19.42 -2.33 -27.76
CA VAL A 603 18.14 -2.78 -27.19
C VAL A 603 17.02 -2.37 -28.11
N HIS A 604 16.22 -3.32 -28.56
CA HIS A 604 15.09 -2.97 -29.45
C HIS A 604 13.96 -2.42 -28.62
N CYS A 605 13.41 -1.30 -29.01
CA CYS A 605 12.33 -0.68 -28.23
C CYS A 605 11.09 -0.47 -29.11
N GLU A 606 9.91 -0.42 -28.49
CA GLU A 606 8.70 0.00 -29.21
C GLU A 606 9.07 1.32 -29.83
N PRO A 607 8.95 1.47 -31.15
CA PRO A 607 9.43 2.71 -31.75
C PRO A 607 8.53 3.91 -31.43
N ARG A 608 9.09 5.11 -31.38
CA ARG A 608 8.37 6.29 -30.86
C ARG A 608 7.48 7.01 -31.86
N LEU A 609 7.61 6.69 -33.14
CA LEU A 609 6.79 7.27 -34.20
C LEU A 609 6.12 6.15 -34.96
N PRO A 610 4.90 6.41 -35.47
CA PRO A 610 4.09 5.36 -36.08
C PRO A 610 4.69 4.79 -37.37
N ASN A 611 5.50 5.59 -38.06
CA ASN A 611 6.18 5.20 -39.31
C ASN A 611 7.58 4.56 -39.19
N LEU A 612 8.10 4.41 -37.98
CA LEU A 612 9.35 3.71 -37.78
C LEU A 612 9.00 2.28 -37.53
N ILE A 613 9.81 1.39 -38.06
CA ILE A 613 9.60 -0.03 -37.92
C ILE A 613 10.61 -0.65 -36.95
N SER A 614 11.70 0.04 -36.68
CA SER A 614 12.62 -0.36 -35.65
C SER A 614 13.07 0.88 -34.88
N GLU A 615 13.38 0.70 -33.59
CA GLU A 615 14.09 1.70 -32.79
C GLU A 615 15.12 0.98 -31.92
N ILE A 616 16.39 1.41 -31.96
CA ILE A 616 17.47 0.71 -31.24
C ILE A 616 18.32 1.65 -30.38
N ALA A 617 18.25 1.43 -29.06
CA ALA A 617 19.07 2.16 -28.10
C ALA A 617 20.38 1.45 -27.90
N ILE A 618 21.47 2.21 -27.87
CA ILE A 618 22.81 1.67 -27.75
C ILE A 618 23.34 2.26 -26.48
N PHE A 619 23.69 1.43 -25.52
CA PHE A 619 24.31 1.93 -24.28
C PHE A 619 25.73 1.42 -24.18
N ASP A 620 26.62 2.32 -23.79
CA ASP A 620 27.99 1.98 -23.49
C ASP A 620 28.08 1.51 -22.06
N ARG A 621 28.53 0.28 -21.86
CA ARG A 621 28.70 -0.25 -20.50
C ARG A 621 30.12 -0.13 -19.95
N SER A 622 30.97 0.70 -20.50
CA SER A 622 32.37 0.69 -20.06
C SER A 622 32.56 1.51 -18.77
N ILE A 623 31.84 2.61 -18.65
CA ILE A 623 31.85 3.43 -17.44
C ILE A 623 30.47 3.39 -16.84
N GLU A 624 30.38 2.95 -15.59
CA GLU A 624 29.11 2.79 -14.89
C GLU A 624 28.33 4.09 -14.95
N GLY A 625 27.06 4.00 -15.32
CA GLY A 625 26.24 5.19 -15.39
C GLY A 625 25.68 5.56 -14.01
N THR A 626 25.19 6.80 -13.95
CA THR A 626 24.60 7.37 -12.73
C THR A 626 23.47 6.49 -12.18
N ILE A 627 22.49 6.19 -13.02
CA ILE A 627 21.32 5.44 -12.52
C ILE A 627 21.71 4.04 -12.02
N PRO A 628 22.49 3.29 -12.80
CA PRO A 628 22.91 1.97 -12.33
C PRO A 628 23.63 2.00 -10.96
N ARG A 629 24.48 2.99 -10.80
CA ARG A 629 25.21 3.17 -9.58
C ARG A 629 24.35 3.59 -8.38
N LEU A 630 23.38 4.47 -8.60
CA LEU A 630 22.39 4.76 -7.59
C LEU A 630 21.72 3.44 -7.14
N LEU A 631 21.21 2.69 -8.11
CA LEU A 631 20.57 1.42 -7.82
C LEU A 631 21.52 0.43 -7.15
N ARG A 632 22.78 0.46 -7.57
CA ARG A 632 23.74 -0.48 -6.98
C ARG A 632 23.92 -0.15 -5.49
N THR A 633 23.99 1.15 -5.18
CA THR A 633 24.02 1.63 -3.80
C THR A 633 22.80 1.15 -3.01
N PHE A 634 21.61 1.46 -3.50
CA PHE A 634 20.40 1.13 -2.77
C PHE A 634 20.28 -0.36 -2.45
N LEU A 635 20.71 -1.23 -3.35
CA LEU A 635 20.62 -2.66 -3.08
C LEU A 635 21.63 -3.07 -2.01
N ALA A 636 22.82 -2.48 -2.08
CA ALA A 636 23.90 -2.73 -1.12
C ALA A 636 23.46 -2.31 0.26
N GLU A 637 23.03 -1.06 0.38
CA GLU A 637 22.43 -0.54 1.61
C GLU A 637 21.30 -1.45 2.16
N ARG A 638 20.40 -1.90 1.30
CA ARG A 638 19.37 -2.80 1.74
C ARG A 638 19.93 -4.11 2.31
N ALA A 639 20.95 -4.62 1.64
CA ALA A 639 21.60 -5.87 2.05
C ALA A 639 22.22 -5.71 3.43
N ARG A 640 22.88 -4.58 3.63
CA ARG A 640 23.47 -4.28 4.90
C ARG A 640 22.46 -4.33 6.02
N TYR A 641 21.38 -3.59 5.83
CA TYR A 641 20.38 -3.51 6.86
C TYR A 641 19.66 -4.82 7.11
N LYS A 642 19.45 -5.64 6.08
CA LYS A 642 18.91 -6.99 6.29
C LYS A 642 19.82 -7.83 7.18
N LYS A 643 21.12 -7.56 7.15
CA LYS A 643 22.05 -8.31 7.96
C LYS A 643 21.99 -7.78 9.39
N MET A 644 22.18 -6.46 9.53
CA MET A 644 21.98 -5.76 10.80
C MET A 644 20.68 -6.16 11.50
N LEU A 645 19.60 -6.33 10.75
CA LEU A 645 18.32 -6.79 11.27
C LEU A 645 18.44 -8.15 11.94
N LYS A 646 19.18 -9.07 11.32
CA LYS A 646 19.35 -10.43 11.87
C LYS A 646 20.40 -10.53 13.00
N GLN A 647 21.21 -9.50 13.17
CA GLN A 647 22.19 -9.46 14.26
C GLN A 647 21.75 -8.55 15.41
N ALA A 648 20.75 -7.70 15.19
CA ALA A 648 20.09 -7.02 16.31
C ALA A 648 19.13 -8.00 16.98
N THR A 649 18.96 -7.81 18.28
CA THR A 649 18.19 -8.73 19.13
C THR A 649 17.14 -7.99 20.02
N SER A 650 17.49 -6.82 20.55
CA SER A 650 16.50 -5.80 20.99
C SER A 650 15.42 -5.47 19.94
N SER A 651 14.13 -5.70 20.24
CA SER A 651 13.03 -5.41 19.28
C SER A 651 12.92 -3.95 18.80
N THR A 652 13.42 -3.00 19.59
CA THR A 652 13.53 -1.63 19.13
C THR A 652 14.51 -1.49 17.97
N GLU A 653 15.70 -2.07 18.10
CA GLU A 653 16.66 -2.20 17.00
C GLU A 653 16.07 -2.94 15.78
N LYS A 654 15.42 -4.07 16.01
CA LYS A 654 14.83 -4.80 14.88
C LYS A 654 13.97 -3.82 14.07
N ALA A 655 13.12 -3.06 14.74
CA ALA A 655 12.26 -2.06 14.08
C ALA A 655 12.98 -1.01 13.24
N ILE A 656 14.14 -0.56 13.72
CA ILE A 656 14.89 0.48 13.03
C ILE A 656 15.49 -0.12 11.74
N TYR A 657 16.16 -1.26 11.85
CA TYR A 657 16.83 -1.82 10.69
C TYR A 657 15.83 -2.37 9.69
N ASP A 658 14.72 -2.92 10.15
CA ASP A 658 13.64 -3.36 9.27
C ASP A 658 13.09 -2.16 8.48
N SER A 659 13.00 -0.99 9.09
CA SER A 659 12.52 0.20 8.37
C SER A 659 13.52 0.67 7.32
N MET A 660 14.79 0.60 7.65
CA MET A 660 15.85 1.07 6.77
C MET A 660 15.88 0.22 5.52
N GLN A 661 15.90 -1.07 5.75
CA GLN A 661 15.75 -2.09 4.72
C GLN A 661 14.55 -1.83 3.83
N TYR A 662 13.38 -1.62 4.44
CA TYR A 662 12.15 -1.33 3.66
C TYR A 662 12.29 -0.07 2.86
N THR A 663 12.88 0.97 3.44
CA THR A 663 13.03 2.25 2.77
C THR A 663 13.92 2.11 1.52
N TYR A 664 14.99 1.32 1.61
CA TYR A 664 15.82 1.09 0.44
C TYR A 664 15.11 0.26 -0.66
N LYS A 665 14.30 -0.73 -0.29
CA LYS A 665 13.40 -1.38 -1.28
C LYS A 665 12.59 -0.34 -2.07
N ILE A 666 11.93 0.54 -1.33
CA ILE A 666 10.93 1.40 -1.91
C ILE A 666 11.59 2.33 -2.86
N VAL A 667 12.68 2.97 -2.44
CA VAL A 667 13.33 3.95 -3.29
C VAL A 667 13.95 3.30 -4.54
N ALA A 668 14.49 2.09 -4.39
CA ALA A 668 15.02 1.36 -5.54
C ALA A 668 13.89 1.12 -6.53
N ASN A 669 12.73 0.67 -6.04
CA ASN A 669 11.60 0.37 -6.88
C ASN A 669 10.94 1.63 -7.48
N SER A 670 11.25 2.80 -6.95
CA SER A 670 10.77 4.07 -7.51
C SER A 670 11.43 4.43 -8.83
N VAL A 671 12.62 3.88 -9.08
CA VAL A 671 13.48 4.34 -10.17
C VAL A 671 12.92 4.09 -11.56
N TYR A 672 12.29 2.94 -11.78
CA TYR A 672 11.75 2.59 -13.10
C TYR A 672 10.75 3.65 -13.57
N GLY A 673 9.76 3.90 -12.73
CA GLY A 673 8.75 4.89 -13.03
C GLY A 673 9.29 6.30 -13.18
N LEU A 674 10.33 6.61 -12.41
CA LEU A 674 10.93 7.93 -12.47
C LEU A 674 11.69 8.12 -13.75
N MET A 675 12.20 7.05 -14.36
CA MET A 675 12.86 7.18 -15.68
C MET A 675 11.85 7.55 -16.77
N GLY A 676 10.59 7.17 -16.57
CA GLY A 676 9.50 7.54 -17.47
C GLY A 676 8.78 8.85 -17.20
N PHE A 677 8.99 9.45 -16.04
CA PHE A 677 8.22 10.63 -15.60
C PHE A 677 8.99 11.86 -16.08
N ARG A 678 8.33 12.72 -16.84
CA ARG A 678 9.04 13.78 -17.55
C ARG A 678 9.52 14.88 -16.59
N ASN A 679 8.82 15.12 -15.48
CA ASN A 679 9.22 16.13 -14.48
C ASN A 679 10.10 15.50 -13.40
N SER A 680 11.15 14.80 -13.79
CA SER A 680 11.91 13.98 -12.86
C SER A 680 13.39 14.13 -13.20
N ALA A 681 14.21 14.09 -12.16
CA ALA A 681 15.64 14.19 -12.35
C ALA A 681 16.23 12.91 -12.93
N LEU A 682 15.48 11.82 -12.98
CA LEU A 682 15.98 10.59 -13.57
C LEU A 682 15.35 10.27 -14.93
N TYR A 683 14.68 11.24 -15.57
CA TYR A 683 13.95 11.00 -16.83
C TYR A 683 14.93 10.57 -17.92
N SER A 684 14.62 9.50 -18.63
CA SER A 684 15.35 9.09 -19.82
C SER A 684 14.44 8.11 -20.58
N TYR A 685 13.76 8.65 -21.58
CA TYR A 685 12.84 7.92 -22.44
C TYR A 685 13.47 6.61 -22.94
N ALA A 686 14.69 6.70 -23.48
CA ALA A 686 15.40 5.50 -24.00
C ALA A 686 15.71 4.47 -22.91
N SER A 687 16.12 4.97 -21.76
CA SER A 687 16.52 4.11 -20.68
C SER A 687 15.27 3.42 -20.17
N ALA A 688 14.20 4.17 -20.04
CA ALA A 688 12.96 3.61 -19.53
C ALA A 688 12.47 2.54 -20.47
N LYS A 689 12.40 2.91 -21.74
CA LYS A 689 11.97 1.95 -22.75
C LYS A 689 12.88 0.73 -22.84
N SER A 690 14.19 0.95 -22.88
CA SER A 690 15.14 -0.16 -22.84
C SER A 690 15.01 -1.06 -21.59
N CYS A 691 14.69 -0.45 -20.45
CA CYS A 691 14.48 -1.19 -19.23
C CYS A 691 13.27 -2.12 -19.37
N THR A 692 12.16 -1.56 -19.85
CA THR A 692 10.94 -2.36 -20.07
C THR A 692 11.24 -3.57 -20.97
N SER A 693 11.97 -3.27 -22.03
CA SER A 693 12.23 -4.18 -23.12
C SER A 693 13.16 -5.32 -22.75
N ILE A 694 14.25 -4.98 -22.06
CA ILE A 694 15.16 -6.00 -21.51
C ILE A 694 14.44 -6.90 -20.51
N GLY A 695 13.63 -6.32 -19.63
CA GLY A 695 12.81 -7.13 -18.71
C GLY A 695 11.81 -8.08 -19.37
N ARG A 696 11.10 -7.56 -20.38
CA ARG A 696 10.14 -8.35 -21.18
C ARG A 696 10.89 -9.58 -21.72
N ARG A 697 12.05 -9.36 -22.31
CA ARG A 697 12.82 -10.44 -22.90
C ARG A 697 13.27 -11.46 -21.85
N MET A 698 13.70 -11.01 -20.67
CA MET A 698 14.08 -11.95 -19.62
C MET A 698 12.92 -12.86 -19.18
N ILE A 699 11.70 -12.34 -19.23
CA ILE A 699 10.52 -13.15 -18.98
C ILE A 699 10.29 -14.14 -20.11
N LEU A 700 10.31 -13.67 -21.35
CA LEU A 700 10.09 -14.56 -22.48
C LEU A 700 11.10 -15.69 -22.59
N TYR A 701 12.39 -15.34 -22.40
CA TYR A 701 13.51 -16.32 -22.39
C TYR A 701 13.27 -17.39 -21.36
N LEU A 702 12.99 -16.99 -20.13
CA LEU A 702 12.77 -17.97 -19.06
C LEU A 702 11.59 -18.91 -19.39
N GLU A 703 10.52 -18.31 -19.87
CA GLU A 703 9.37 -19.07 -20.33
C GLU A 703 9.69 -20.03 -21.48
N SER A 704 10.47 -19.61 -22.48
CA SER A 704 10.72 -20.47 -23.65
C SER A 704 11.53 -21.72 -23.30
N VAL A 705 12.41 -21.52 -22.35
CA VAL A 705 13.25 -22.55 -21.82
C VAL A 705 12.44 -23.55 -20.98
N LEU A 706 11.46 -23.09 -20.21
CA LEU A 706 10.71 -23.96 -19.29
C LEU A 706 9.43 -24.62 -19.87
N ASN A 707 9.00 -24.15 -21.03
CA ASN A 707 7.71 -24.56 -21.57
C ASN A 707 7.92 -25.77 -22.45
N GLY A 708 7.52 -26.91 -21.93
CA GLY A 708 7.86 -28.17 -22.54
C GLY A 708 9.21 -28.72 -22.09
N ALA A 709 9.76 -28.19 -21.01
CA ALA A 709 10.93 -28.79 -20.41
C ALA A 709 10.49 -30.12 -19.79
N GLU A 710 11.39 -31.10 -19.72
CA GLU A 710 11.11 -32.33 -18.99
C GLU A 710 12.28 -32.81 -18.16
N LEU A 711 11.93 -33.59 -17.14
CA LEU A 711 12.85 -34.18 -16.23
C LEU A 711 12.75 -35.71 -16.39
N SER A 712 13.80 -36.34 -16.94
CA SER A 712 13.86 -37.81 -17.04
C SER A 712 15.27 -38.33 -16.82
N ASN A 713 15.35 -39.46 -16.11
CA ASN A 713 16.56 -39.84 -15.40
C ASN A 713 16.95 -38.68 -14.48
N GLY A 714 18.23 -38.33 -14.45
CA GLY A 714 18.66 -37.27 -13.55
C GLY A 714 18.69 -35.96 -14.29
N MET A 715 18.13 -35.94 -15.50
CA MET A 715 18.43 -34.92 -16.47
C MET A 715 17.24 -34.00 -16.70
N LEU A 716 17.51 -32.70 -16.74
CA LEU A 716 16.52 -31.71 -17.05
C LEU A 716 16.76 -31.25 -18.48
N ARG A 717 15.80 -31.55 -19.34
CA ARG A 717 15.85 -31.19 -20.74
C ARG A 717 15.11 -29.86 -20.92
N PHE A 718 15.82 -28.73 -20.87
CA PHE A 718 15.17 -27.42 -21.14
C PHE A 718 14.69 -27.40 -22.58
N ALA A 719 13.65 -26.64 -22.85
CA ALA A 719 12.97 -26.71 -24.13
C ALA A 719 13.59 -25.93 -25.28
N ASN A 720 14.58 -25.10 -24.97
CA ASN A 720 15.34 -24.39 -25.98
C ASN A 720 16.73 -24.21 -25.45
N PRO A 721 17.67 -23.90 -26.34
CA PRO A 721 19.02 -23.73 -25.83
C PRO A 721 19.12 -22.51 -24.92
N LEU A 722 20.08 -22.56 -24.00
CA LEU A 722 20.29 -21.55 -23.00
C LEU A 722 21.13 -20.40 -23.54
N SER A 723 20.70 -19.84 -24.65
CA SER A 723 21.40 -18.77 -25.31
C SER A 723 21.02 -17.44 -24.70
N ASN A 724 22.03 -16.65 -24.38
CA ASN A 724 21.85 -15.25 -23.99
C ASN A 724 21.09 -14.50 -25.08
N PRO A 725 19.95 -13.88 -24.73
CA PRO A 725 19.16 -13.25 -25.80
C PRO A 725 19.70 -11.96 -26.40
N PHE A 726 20.65 -11.30 -25.75
CA PHE A 726 21.15 -9.99 -26.21
C PHE A 726 22.44 -10.08 -27.04
N TYR A 727 23.27 -11.10 -26.81
CA TYR A 727 24.54 -11.21 -27.48
C TYR A 727 25.15 -12.57 -27.18
N MET A 728 26.01 -13.01 -28.10
CA MET A 728 26.76 -14.24 -27.98
C MET A 728 27.63 -14.17 -26.73
N ASP A 729 27.68 -15.28 -26.00
CA ASP A 729 28.04 -15.35 -24.58
C ASP A 729 29.14 -16.41 -24.38
N ASP A 730 29.77 -16.45 -23.20
CA ASP A 730 30.73 -17.53 -22.88
C ASP A 730 30.06 -18.87 -22.54
N ARG A 731 28.80 -18.85 -22.08
CA ARG A 731 28.21 -19.98 -21.32
C ARG A 731 27.82 -21.17 -22.19
N ASP A 732 27.87 -22.33 -21.56
CA ASP A 732 27.38 -23.58 -22.11
C ASP A 732 25.87 -23.47 -22.37
N ILE A 733 25.52 -23.34 -23.66
CA ILE A 733 24.11 -23.29 -24.04
C ILE A 733 23.41 -24.62 -24.08
N ASN A 734 24.09 -25.71 -23.75
CA ASN A 734 23.45 -27.03 -23.85
C ASN A 734 22.21 -27.06 -22.92
N PRO A 735 21.04 -27.35 -23.49
CA PRO A 735 19.80 -27.43 -22.73
C PRO A 735 19.59 -28.70 -21.93
N ILE A 736 20.37 -29.76 -22.18
CA ILE A 736 20.26 -30.96 -21.30
C ILE A 736 21.22 -30.80 -20.13
N VAL A 737 20.72 -30.94 -18.91
CA VAL A 737 21.46 -30.49 -17.72
C VAL A 737 21.33 -31.50 -16.61
N LYS A 738 22.46 -31.89 -16.03
CA LYS A 738 22.49 -32.79 -14.87
C LYS A 738 21.76 -32.17 -13.69
N THR A 739 20.86 -32.95 -13.07
CA THR A 739 20.25 -32.60 -11.80
C THR A 739 20.65 -33.61 -10.74
N SER A 740 20.58 -33.16 -9.49
CA SER A 740 20.79 -34.01 -8.33
C SER A 740 19.51 -34.74 -7.88
N LEU A 741 18.48 -34.77 -8.72
CA LEU A 741 17.24 -35.43 -8.34
C LEU A 741 17.30 -36.93 -8.58
N PRO A 742 16.42 -37.71 -7.92
CA PRO A 742 16.08 -39.08 -8.22
C PRO A 742 15.90 -39.43 -9.72
N ILE A 743 16.63 -40.46 -10.14
CA ILE A 743 16.60 -40.99 -11.51
C ILE A 743 15.17 -41.43 -11.92
N ASP A 744 14.41 -41.97 -10.98
CA ASP A 744 13.08 -42.49 -11.32
C ASP A 744 12.04 -41.37 -11.58
N TYR A 745 12.30 -40.13 -11.15
CA TYR A 745 11.37 -39.03 -11.41
C TYR A 745 11.26 -38.76 -12.88
N ARG A 746 10.03 -38.62 -13.34
CA ARG A 746 9.73 -38.28 -14.73
C ARG A 746 8.53 -37.31 -14.72
N PHE A 747 8.80 -36.07 -15.13
CA PHE A 747 7.85 -34.97 -15.04
C PHE A 747 8.06 -34.03 -16.20
N ARG A 748 7.08 -33.16 -16.39
CA ARG A 748 6.99 -32.33 -17.57
C ARG A 748 6.34 -30.97 -17.20
N PHE A 749 6.91 -29.90 -17.76
CA PHE A 749 6.66 -28.55 -17.30
C PHE A 749 6.04 -27.71 -18.39
N ARG A 750 5.19 -26.77 -17.96
CA ARG A 750 4.46 -25.93 -18.89
C ARG A 750 4.44 -24.46 -18.35
N SER A 751 4.75 -23.53 -19.25
CA SER A 751 4.79 -22.10 -18.94
C SER A 751 3.39 -21.57 -19.10
N VAL A 752 2.79 -21.29 -17.96
CA VAL A 752 1.37 -21.15 -17.82
C VAL A 752 0.94 -19.68 -17.68
N TYR A 753 1.78 -18.88 -17.04
CA TYR A 753 1.51 -17.49 -16.83
C TYR A 753 2.82 -16.78 -16.51
N GLY A 754 2.92 -15.53 -16.94
CA GLY A 754 4.04 -14.69 -16.57
C GLY A 754 3.72 -13.22 -16.78
N ASP A 755 4.27 -12.38 -15.92
CA ASP A 755 3.96 -10.95 -15.89
C ASP A 755 5.26 -10.18 -15.92
N THR A 756 5.32 -9.00 -15.31
CA THR A 756 6.47 -8.14 -15.52
C THR A 756 7.69 -8.70 -14.84
N ASP A 757 7.50 -9.46 -13.74
CA ASP A 757 8.64 -10.00 -12.99
C ASP A 757 8.46 -11.39 -12.37
N SER A 758 7.56 -12.20 -12.93
CA SER A 758 7.14 -13.42 -12.27
C SER A 758 6.81 -14.46 -13.32
N VAL A 759 7.06 -15.71 -13.00
CA VAL A 759 6.74 -16.76 -13.94
C VAL A 759 6.21 -18.01 -13.20
N PHE A 760 5.07 -18.50 -13.69
CA PHE A 760 4.34 -19.60 -13.09
C PHE A 760 4.54 -20.82 -13.98
N THR A 761 5.01 -21.92 -13.40
CA THR A 761 5.23 -23.13 -14.19
C THR A 761 4.39 -24.29 -13.65
N GLU A 762 3.54 -24.84 -14.51
CA GLU A 762 2.77 -26.01 -14.15
C GLU A 762 3.69 -27.20 -14.27
N ILE A 763 3.69 -28.05 -13.25
CA ILE A 763 4.35 -29.38 -13.28
C ILE A 763 3.25 -30.43 -13.37
N ASP A 764 3.42 -31.50 -14.16
CA ASP A 764 2.42 -32.59 -14.16
C ASP A 764 2.51 -33.45 -12.87
N SER A 765 2.03 -32.91 -11.76
CA SER A 765 2.10 -33.56 -10.46
C SER A 765 1.35 -32.80 -9.39
N GLN A 766 0.89 -33.57 -8.41
CA GLN A 766 0.18 -33.05 -7.26
C GLN A 766 0.91 -33.25 -5.92
N ASP A 767 2.05 -33.95 -5.96
CA ASP A 767 2.79 -34.32 -4.77
C ASP A 767 3.62 -33.10 -4.32
N VAL A 768 3.04 -32.26 -3.45
CA VAL A 768 3.69 -31.00 -3.11
C VAL A 768 5.12 -31.20 -2.60
N ASP A 769 5.31 -32.25 -1.78
CA ASP A 769 6.65 -32.62 -1.28
C ASP A 769 7.68 -32.76 -2.41
N LYS A 770 7.30 -33.48 -3.48
CA LYS A 770 8.15 -33.63 -4.67
C LYS A 770 8.24 -32.34 -5.46
N SER A 771 7.10 -31.68 -5.61
CA SER A 771 7.04 -30.40 -6.31
C SER A 771 7.95 -29.34 -5.70
N ILE A 772 8.09 -29.33 -4.38
CA ILE A 772 9.03 -28.42 -3.72
C ILE A 772 10.49 -28.87 -3.90
N GLU A 773 10.72 -30.19 -3.87
CA GLU A 773 12.06 -30.73 -4.11
C GLU A 773 12.52 -30.28 -5.48
N ILE A 774 11.66 -30.48 -6.47
CA ILE A 774 11.96 -30.22 -7.88
C ILE A 774 12.16 -28.75 -8.17
N ALA A 775 11.30 -27.91 -7.62
CA ALA A 775 11.38 -26.47 -7.85
C ALA A 775 12.67 -25.88 -7.30
N LYS A 776 13.08 -26.33 -6.11
CA LYS A 776 14.36 -25.92 -5.51
C LYS A 776 15.54 -26.28 -6.41
N GLU A 777 15.46 -27.43 -7.05
CA GLU A 777 16.45 -27.84 -8.03
C GLU A 777 16.35 -26.99 -9.31
N LEU A 778 15.11 -26.77 -9.77
CA LEU A 778 14.87 -25.88 -10.90
C LEU A 778 15.42 -24.51 -10.65
N GLU A 779 15.24 -24.03 -9.42
CA GLU A 779 15.78 -22.73 -9.00
C GLU A 779 17.31 -22.68 -9.20
N ARG A 780 17.97 -23.71 -8.68
CA ARG A 780 19.43 -23.81 -8.74
C ARG A 780 19.96 -23.83 -10.16
N LEU A 781 19.40 -24.72 -10.97
CA LEU A 781 19.80 -24.83 -12.39
C LEU A 781 19.48 -23.58 -13.19
N ILE A 782 18.32 -22.95 -12.93
CA ILE A 782 18.00 -21.69 -13.61
C ILE A 782 19.05 -20.62 -13.31
N ASN A 783 19.43 -20.50 -12.05
CA ASN A 783 20.40 -19.48 -11.68
C ASN A 783 21.82 -19.75 -12.13
N ASN A 784 22.19 -21.02 -12.23
CA ASN A 784 23.56 -21.37 -12.59
C ASN A 784 23.78 -21.51 -14.08
N ARG A 785 22.78 -22.02 -14.79
CA ARG A 785 22.92 -22.35 -16.20
C ARG A 785 22.05 -21.54 -17.11
N VAL A 786 20.79 -21.30 -16.75
CA VAL A 786 19.89 -20.52 -17.64
C VAL A 786 20.20 -19.03 -17.63
N LEU A 787 20.38 -18.47 -16.44
CA LEU A 787 20.53 -17.03 -16.30
C LEU A 787 21.99 -16.62 -16.30
N PHE A 788 22.25 -15.33 -16.16
CA PHE A 788 23.60 -14.78 -16.30
C PHE A 788 23.79 -13.43 -15.64
N ASN A 789 25.04 -13.05 -15.38
CA ASN A 789 25.38 -11.80 -14.72
C ASN A 789 24.49 -11.62 -13.49
N ASN A 790 23.85 -10.46 -13.30
CA ASN A 790 23.06 -10.21 -12.08
C ASN A 790 21.60 -10.61 -12.12
N PHE A 791 21.20 -11.48 -13.04
CA PHE A 791 19.82 -11.98 -13.07
C PHE A 791 19.65 -13.26 -12.23
N LYS A 792 18.84 -13.20 -11.17
CA LYS A 792 18.52 -14.37 -10.37
C LYS A 792 17.00 -14.52 -10.20
N ILE A 793 16.52 -15.76 -10.11
CA ILE A 793 15.15 -16.03 -9.60
C ILE A 793 15.19 -16.66 -8.22
N GLU A 794 14.11 -16.55 -7.46
CA GLU A 794 13.87 -17.38 -6.27
C GLU A 794 12.55 -18.09 -6.47
N PHE A 795 12.44 -19.27 -5.88
CA PHE A 795 11.23 -20.07 -5.95
C PHE A 795 10.44 -19.76 -4.69
N GLU A 796 9.27 -19.16 -4.86
CA GLU A 796 8.50 -18.63 -3.73
C GLU A 796 7.70 -19.70 -3.08
N ALA A 797 6.92 -20.39 -3.90
CA ALA A 797 5.89 -21.24 -3.39
C ALA A 797 5.32 -22.12 -4.45
N VAL A 798 4.74 -23.24 -4.01
CA VAL A 798 3.86 -24.06 -4.83
C VAL A 798 2.42 -23.65 -4.59
N TYR A 799 1.63 -23.64 -5.67
CA TYR A 799 0.18 -23.34 -5.65
C TYR A 799 -0.68 -24.59 -6.03
N LYS A 800 -1.20 -25.30 -5.02
CA LYS A 800 -2.17 -26.40 -5.25
C LYS A 800 -3.58 -25.86 -5.49
N ASN A 801 -4.33 -26.53 -6.37
CA ASN A 801 -5.68 -26.13 -6.80
C ASN A 801 -5.77 -24.68 -7.23
N LEU A 802 -4.82 -24.24 -8.04
CA LEU A 802 -4.86 -22.86 -8.53
C LEU A 802 -6.09 -22.70 -9.41
N ILE A 803 -6.88 -21.70 -9.08
CA ILE A 803 -7.92 -21.19 -9.96
C ILE A 803 -7.61 -19.70 -10.04
N MET A 804 -7.34 -19.19 -11.24
CA MET A 804 -6.89 -17.81 -11.38
C MET A 804 -7.41 -17.18 -12.66
N GLN A 805 -7.54 -15.86 -12.60
CA GLN A 805 -8.23 -15.08 -13.59
C GLN A 805 -7.30 -13.94 -14.05
N SER A 806 -6.69 -13.27 -13.07
CA SER A 806 -5.49 -12.46 -13.27
C SER A 806 -4.62 -12.53 -11.99
N LYS A 807 -3.52 -11.77 -11.98
CA LYS A 807 -2.72 -11.60 -10.75
C LYS A 807 -3.54 -10.93 -9.61
N LYS A 808 -4.55 -10.14 -10.00
CA LYS A 808 -5.47 -9.48 -9.05
C LYS A 808 -6.60 -10.35 -8.50
N LYS A 809 -7.15 -11.27 -9.30
CA LYS A 809 -8.21 -12.19 -8.85
C LYS A 809 -7.83 -13.67 -9.01
N TYR A 810 -7.44 -14.30 -7.90
CA TYR A 810 -7.04 -15.71 -7.90
C TYR A 810 -7.28 -16.42 -6.56
N THR A 811 -7.35 -17.76 -6.61
CA THR A 811 -7.52 -18.56 -5.38
C THR A 811 -6.76 -19.91 -5.42
N THR A 812 -6.05 -20.19 -4.34
CA THR A 812 -5.17 -21.36 -4.24
C THR A 812 -4.74 -21.67 -2.80
N MET A 813 -4.33 -22.91 -2.57
CA MET A 813 -3.61 -23.26 -1.34
C MET A 813 -2.12 -23.08 -1.64
N LYS A 814 -1.50 -22.12 -0.94
CA LYS A 814 -0.08 -21.82 -1.10
C LYS A 814 0.77 -22.61 -0.10
N TYR A 815 1.63 -23.50 -0.62
CA TYR A 815 2.69 -24.14 0.16
C TYR A 815 4.03 -23.44 -0.11
N SER A 816 4.53 -22.65 0.83
CA SER A 816 5.75 -21.86 0.62
C SER A 816 7.03 -22.72 0.53
N ALA A 817 8.17 -22.09 0.22
CA ALA A 817 9.45 -22.80 0.10
C ALA A 817 9.83 -23.50 1.40
N SER A 818 9.67 -22.79 2.52
CA SER A 818 9.83 -23.32 3.88
C SER A 818 8.91 -24.50 4.18
N SER A 819 7.71 -24.46 3.60
CA SER A 819 6.70 -25.52 3.77
C SER A 819 7.15 -26.94 3.39
N ASN A 820 6.46 -27.93 3.98
CA ASN A 820 6.56 -29.35 3.61
C ASN A 820 5.14 -29.84 3.23
N SER A 821 5.06 -31.11 2.84
CA SER A 821 3.80 -31.75 2.39
C SER A 821 2.66 -31.54 3.35
N LYS A 822 2.97 -31.80 4.63
CA LYS A 822 2.00 -31.81 5.71
C LYS A 822 2.34 -30.75 6.78
N SER A 823 2.29 -29.50 6.36
CA SER A 823 1.98 -28.37 7.27
C SER A 823 0.71 -27.71 6.70
N VAL A 824 0.08 -26.84 7.48
CA VAL A 824 -1.20 -26.22 7.08
C VAL A 824 -0.89 -25.21 5.97
N PRO A 825 -1.54 -25.34 4.78
CA PRO A 825 -1.46 -24.29 3.76
C PRO A 825 -1.73 -22.87 4.22
N GLU A 826 -1.73 -21.97 3.25
CA GLU A 826 -2.30 -20.65 3.41
C GLU A 826 -3.37 -20.61 2.32
N ARG A 827 -4.63 -20.62 2.74
CA ARG A 827 -5.73 -20.32 1.81
C ARG A 827 -5.43 -18.93 1.33
N ILE A 828 -5.40 -18.76 0.02
CA ILE A 828 -5.22 -17.43 -0.56
C ILE A 828 -6.44 -17.13 -1.40
N ASN A 829 -7.05 -16.01 -1.06
CA ASN A 829 -8.14 -15.48 -1.81
C ASN A 829 -7.74 -14.06 -2.21
N LYS A 830 -8.12 -13.65 -3.41
CA LYS A 830 -7.83 -12.31 -3.90
C LYS A 830 -8.94 -11.81 -4.82
N GLY A 831 -9.30 -10.52 -4.63
CA GLY A 831 -10.22 -9.79 -5.51
C GLY A 831 -11.70 -10.12 -5.46
N THR A 832 -12.12 -11.05 -4.59
CA THR A 832 -13.47 -11.63 -4.65
C THR A 832 -14.54 -10.76 -3.97
N SER A 833 -15.80 -11.21 -4.04
CA SER A 833 -16.92 -10.57 -3.33
C SER A 833 -18.13 -11.55 -3.15
N GLU A 834 -18.14 -12.31 -2.04
CA GLU A 834 -19.20 -13.32 -1.77
C GLU A 834 -19.19 -13.92 -0.33
N THR A 835 -19.78 -15.12 -0.19
CA THR A 835 -19.78 -16.01 1.01
C THR A 835 -21.06 -15.69 1.72
N ARG A 836 -21.40 -16.53 2.70
CA ARG A 836 -22.44 -16.23 3.70
C ARG A 836 -23.43 -15.19 3.18
N ARG A 837 -24.24 -15.63 2.22
CA ARG A 837 -25.50 -14.98 1.85
C ARG A 837 -25.44 -13.84 0.82
N ASP A 838 -24.33 -13.75 0.09
CA ASP A 838 -24.31 -13.06 -1.20
C ASP A 838 -24.79 -14.06 -2.23
N VAL A 839 -24.36 -15.29 -2.01
CA VAL A 839 -24.60 -16.40 -2.88
C VAL A 839 -25.27 -17.46 -2.01
N SER A 840 -26.10 -18.29 -2.64
CA SER A 840 -26.94 -19.27 -1.95
C SER A 840 -26.26 -20.60 -1.76
N LYS A 841 -26.72 -21.42 -0.82
CA LYS A 841 -26.22 -22.81 -0.68
C LYS A 841 -26.39 -23.66 -1.97
N PHE A 842 -27.35 -23.35 -2.82
CA PHE A 842 -27.52 -24.08 -4.09
C PHE A 842 -26.35 -23.82 -5.03
N HIS A 843 -25.92 -22.56 -5.02
CA HIS A 843 -24.83 -22.10 -5.87
C HIS A 843 -23.50 -22.68 -5.38
N LYS A 844 -23.23 -22.50 -4.08
CA LYS A 844 -22.06 -23.06 -3.40
C LYS A 844 -21.95 -24.56 -3.67
N ASN A 845 -23.04 -25.28 -3.48
CA ASN A 845 -23.04 -26.72 -3.69
C ASN A 845 -22.82 -27.07 -5.15
N MET A 846 -23.32 -26.22 -6.06
CA MET A 846 -23.17 -26.50 -7.49
C MET A 846 -21.76 -26.22 -7.94
N ILE A 847 -21.18 -25.13 -7.44
CA ILE A 847 -19.84 -24.72 -7.88
C ILE A 847 -18.81 -25.72 -7.35
N LYS A 848 -18.96 -26.14 -6.09
CA LYS A 848 -18.09 -27.17 -5.48
C LYS A 848 -18.13 -28.50 -6.24
N THR A 849 -19.29 -28.84 -6.81
CA THR A 849 -19.43 -30.03 -7.67
C THR A 849 -18.79 -29.83 -9.05
N TYR A 850 -18.98 -28.66 -9.65
CA TYR A 850 -18.48 -28.41 -10.99
C TYR A 850 -16.98 -28.14 -11.06
N LYS A 851 -16.39 -27.71 -9.94
CA LYS A 851 -14.94 -27.73 -9.79
C LYS A 851 -14.50 -29.19 -9.62
N THR A 852 -14.93 -29.86 -8.54
CA THR A 852 -14.54 -31.27 -8.26
C THR A 852 -14.65 -32.16 -9.51
N ARG A 853 -15.64 -31.92 -10.37
CA ARG A 853 -15.78 -32.67 -11.63
C ARG A 853 -14.86 -32.15 -12.74
N LEU A 854 -14.62 -30.84 -12.79
CA LEU A 854 -13.70 -30.25 -13.78
C LEU A 854 -12.19 -30.54 -13.56
N SER A 855 -11.74 -30.54 -12.31
CA SER A 855 -10.34 -30.87 -11.99
C SER A 855 -10.06 -32.35 -12.29
N GLU A 856 -11.03 -33.22 -11.99
CA GLU A 856 -10.97 -34.64 -12.42
C GLU A 856 -10.99 -34.82 -13.95
N MET A 857 -11.65 -33.92 -14.67
CA MET A 857 -11.60 -33.89 -16.13
C MET A 857 -10.30 -33.36 -16.73
N LEU A 858 -9.44 -32.71 -15.93
CA LEU A 858 -8.11 -32.28 -16.38
C LEU A 858 -7.00 -33.29 -16.03
N SER A 859 -7.18 -34.07 -14.95
CA SER A 859 -6.29 -35.21 -14.60
C SER A 859 -6.34 -36.41 -15.56
N GLU A 860 -7.44 -36.55 -16.32
CA GLU A 860 -7.52 -37.56 -17.39
C GLU A 860 -6.60 -37.21 -18.57
N GLY A 861 -6.29 -35.92 -18.75
CA GLY A 861 -5.42 -35.48 -19.83
C GLY A 861 -6.08 -35.45 -21.21
N ARG A 862 -7.31 -35.94 -21.33
CA ARG A 862 -7.99 -36.19 -22.61
C ARG A 862 -8.99 -35.07 -22.94
N MET A 863 -8.54 -34.09 -23.71
CA MET A 863 -9.24 -32.80 -23.80
C MET A 863 -8.79 -31.98 -25.01
N ASN A 864 -9.69 -31.13 -25.51
CA ASN A 864 -9.27 -29.94 -26.27
C ASN A 864 -9.45 -28.84 -25.20
N SER A 865 -9.67 -27.59 -25.61
CA SER A 865 -10.35 -26.62 -24.73
C SER A 865 -11.86 -26.92 -24.68
N ASN A 866 -12.33 -27.60 -25.73
CA ASN A 866 -13.73 -27.87 -26.01
C ASN A 866 -14.32 -29.17 -25.46
N GLN A 867 -13.58 -30.28 -25.53
CA GLN A 867 -14.06 -31.58 -25.01
C GLN A 867 -14.30 -31.58 -23.48
N VAL A 868 -13.67 -30.63 -22.78
CA VAL A 868 -14.04 -30.26 -21.42
C VAL A 868 -15.22 -29.28 -21.47
N CYS A 869 -15.11 -28.23 -22.29
CA CYS A 869 -16.11 -27.16 -22.38
C CYS A 869 -17.53 -27.59 -22.78
N ILE A 870 -17.63 -28.38 -23.85
CA ILE A 870 -18.89 -29.02 -24.25
C ILE A 870 -19.44 -29.96 -23.17
N ASP A 871 -18.59 -30.87 -22.68
CA ASP A 871 -19.00 -31.88 -21.67
C ASP A 871 -19.61 -31.28 -20.39
N ILE A 872 -19.04 -30.15 -19.95
CA ILE A 872 -19.44 -29.47 -18.70
C ILE A 872 -20.63 -28.49 -18.90
N LEU A 873 -20.83 -27.97 -20.11
CA LEU A 873 -22.07 -27.23 -20.46
C LEU A 873 -23.30 -28.12 -20.76
N ARG A 874 -23.06 -29.33 -21.22
CA ARG A 874 -24.07 -30.39 -21.30
C ARG A 874 -24.55 -30.74 -19.90
N SER A 875 -23.60 -31.12 -19.04
CA SER A 875 -23.92 -31.48 -17.66
C SER A 875 -24.72 -30.40 -16.92
N LEU A 876 -24.45 -29.12 -17.21
CA LEU A 876 -25.16 -27.99 -16.60
C LEU A 876 -26.62 -27.90 -17.06
N GLU A 877 -26.85 -27.76 -18.36
CA GLU A 877 -28.19 -27.95 -18.96
C GLU A 877 -29.06 -29.03 -18.28
N THR A 878 -28.56 -30.26 -18.23
CA THR A 878 -29.27 -31.38 -17.61
C THR A 878 -29.62 -31.11 -16.16
N ASP A 879 -28.60 -30.82 -15.34
CA ASP A 879 -28.82 -30.53 -13.92
C ASP A 879 -29.76 -29.32 -13.73
N LEU A 880 -29.64 -28.31 -14.59
CA LEU A 880 -30.50 -27.11 -14.54
C LEU A 880 -31.96 -27.38 -14.96
N ARG A 881 -32.17 -27.96 -16.14
CA ARG A 881 -33.52 -28.37 -16.60
C ARG A 881 -34.19 -29.33 -15.59
N SER A 882 -33.42 -30.32 -15.11
CA SER A 882 -33.86 -31.22 -14.03
C SER A 882 -34.36 -30.47 -12.78
N GLU A 883 -33.58 -29.55 -12.23
CA GLU A 883 -34.04 -28.79 -11.04
C GLU A 883 -35.26 -27.94 -11.39
N PHE A 884 -35.30 -27.38 -12.61
CA PHE A 884 -36.45 -26.59 -13.02
C PHE A 884 -37.70 -27.45 -13.18
N ASP A 885 -37.53 -28.72 -13.51
CA ASP A 885 -38.63 -29.69 -13.57
C ASP A 885 -38.83 -30.44 -12.24
N SER A 886 -37.97 -31.39 -11.88
CA SER A 886 -38.12 -32.11 -10.59
C SER A 886 -38.51 -31.20 -9.40
N ARG A 887 -37.77 -30.11 -9.20
CA ARG A 887 -37.98 -29.14 -8.13
C ARG A 887 -37.85 -29.70 -6.71
N SER A 888 -36.92 -30.63 -6.54
CA SER A 888 -36.76 -31.31 -5.26
C SER A 888 -35.94 -30.51 -4.22
N SER A 889 -35.24 -29.46 -4.63
CA SER A 889 -34.31 -28.80 -3.71
C SER A 889 -35.03 -27.85 -2.75
N PRO A 890 -34.85 -28.03 -1.43
CA PRO A 890 -35.52 -27.15 -0.47
C PRO A 890 -35.34 -25.68 -0.71
N LEU A 891 -36.35 -24.89 -0.41
CA LEU A 891 -36.24 -23.44 -0.38
C LEU A 891 -35.00 -22.94 0.41
N GLU A 892 -34.58 -23.65 1.47
CA GLU A 892 -33.38 -23.28 2.27
C GLU A 892 -32.17 -23.02 1.38
N LEU A 893 -31.95 -23.94 0.45
CA LEU A 893 -30.90 -23.82 -0.58
C LEU A 893 -30.95 -22.58 -1.47
N PHE A 894 -32.00 -21.77 -1.41
CA PHE A 894 -32.06 -20.53 -2.18
C PHE A 894 -32.17 -19.27 -1.32
N MET A 895 -31.98 -19.39 0.00
CA MET A 895 -32.10 -18.22 0.87
C MET A 895 -30.79 -17.39 0.92
N LEU A 896 -30.96 -16.07 1.04
CA LEU A 896 -29.87 -15.09 1.09
C LEU A 896 -30.14 -14.14 2.28
N SER A 897 -29.11 -13.46 2.79
CA SER A 897 -29.16 -12.66 4.06
C SER A 897 -28.75 -11.24 3.77
N ARG A 898 -28.89 -10.41 4.78
CA ARG A 898 -28.57 -9.02 4.67
C ARG A 898 -28.80 -8.39 6.05
N MET A 899 -28.09 -7.30 6.30
CA MET A 899 -28.32 -6.46 7.47
C MET A 899 -29.37 -5.41 7.13
N HIS A 900 -30.23 -5.09 8.10
CA HIS A 900 -31.08 -3.91 7.97
C HIS A 900 -30.34 -2.70 8.53
N HIS A 901 -30.47 -1.55 7.85
CA HIS A 901 -29.95 -0.25 8.30
C HIS A 901 -30.67 0.88 7.54
N SER A 902 -30.54 2.12 7.99
CA SER A 902 -31.13 3.26 7.26
C SER A 902 -30.29 3.61 6.01
N ASN A 903 -30.72 4.62 5.23
CA ASN A 903 -30.04 5.00 3.95
C ASN A 903 -28.78 5.86 4.15
N TYR A 904 -27.77 5.62 3.28
CA TYR A 904 -26.49 6.40 3.22
C TYR A 904 -26.27 7.46 4.32
N ASP A 908 -28.72 1.56 -1.43
CA ASP A 908 -29.57 1.12 -0.31
C ASP A 908 -31.11 1.25 -0.45
N ASN A 909 -31.61 1.97 -1.46
CA ASN A 909 -32.95 2.61 -1.38
C ASN A 909 -34.22 1.69 -1.48
N PRO A 910 -34.24 0.72 -2.43
CA PRO A 910 -35.39 -0.24 -2.48
C PRO A 910 -35.53 -1.26 -1.31
N ASN A 911 -34.46 -1.47 -0.53
CA ASN A 911 -34.47 -2.40 0.62
C ASN A 911 -35.16 -1.86 1.88
N MET A 912 -35.19 -0.53 2.01
CA MET A 912 -35.99 0.11 3.06
C MET A 912 -37.45 -0.16 2.70
N TYR A 913 -37.83 0.06 1.42
CA TYR A 913 -39.18 -0.28 0.95
C TYR A 913 -39.53 -1.75 1.22
N LEU A 914 -38.58 -2.66 1.05
CA LEU A 914 -38.82 -4.10 1.32
C LEU A 914 -39.09 -4.47 2.78
N VAL A 915 -38.24 -4.00 3.70
CA VAL A 915 -38.37 -4.34 5.13
C VAL A 915 -39.51 -3.54 5.80
N THR A 916 -39.66 -2.25 5.43
CA THR A 916 -40.83 -1.44 5.82
C THR A 916 -42.11 -2.25 5.57
N GLU A 917 -42.36 -2.55 4.29
CA GLU A 917 -43.58 -3.27 3.86
C GLU A 917 -43.76 -4.63 4.54
N TYR A 918 -42.68 -5.33 4.86
CA TYR A 918 -42.79 -6.55 5.68
C TYR A 918 -43.22 -6.27 7.12
N ASN A 919 -42.65 -5.21 7.73
CA ASN A 919 -42.94 -4.80 9.14
C ASN A 919 -44.37 -4.28 9.29
N LYS A 920 -44.75 -3.45 8.32
CA LYS A 920 -46.08 -2.87 8.17
C LYS A 920 -47.18 -3.94 7.93
N ASN A 921 -46.81 -5.11 7.38
CA ASN A 921 -47.76 -6.19 7.00
C ASN A 921 -47.65 -7.48 7.83
N ASN A 922 -46.76 -7.57 8.82
CA ASN A 922 -46.58 -8.82 9.60
C ASN A 922 -46.45 -8.59 11.10
N PRO A 923 -46.97 -9.52 11.92
CA PRO A 923 -46.90 -9.43 13.40
C PRO A 923 -45.50 -9.08 13.92
N GLU A 924 -44.49 -9.73 13.36
CA GLU A 924 -43.11 -9.50 13.73
C GLU A 924 -42.61 -8.16 13.18
N THR A 925 -41.51 -7.69 13.77
CA THR A 925 -40.78 -6.55 13.26
C THR A 925 -39.31 -6.99 13.07
N ILE A 926 -38.73 -6.60 11.92
CA ILE A 926 -37.28 -6.65 11.70
C ILE A 926 -36.75 -5.29 12.18
N GLU A 927 -36.11 -5.27 13.36
CA GLU A 927 -35.63 -3.98 13.94
C GLU A 927 -34.35 -3.57 13.23
N LEU A 928 -33.96 -2.29 13.39
CA LEU A 928 -33.03 -1.62 12.46
C LEU A 928 -31.57 -2.11 12.49
N GLY A 929 -31.22 -3.06 13.37
CA GLY A 929 -29.92 -3.70 13.28
C GLY A 929 -29.95 -5.20 13.05
N GLU A 930 -31.07 -5.75 12.59
CA GLU A 930 -31.23 -7.21 12.47
C GLU A 930 -30.83 -7.82 11.12
N ARG A 931 -30.54 -9.12 11.20
CA ARG A 931 -30.01 -9.92 10.10
C ARG A 931 -31.13 -10.82 9.51
N TYR A 932 -31.71 -10.40 8.37
CA TYR A 932 -32.90 -11.10 7.81
C TYR A 932 -32.65 -11.88 6.54
N TYR A 933 -33.38 -12.97 6.36
CA TYR A 933 -33.24 -13.83 5.16
C TYR A 933 -34.21 -13.46 4.04
N PHE A 934 -33.86 -13.81 2.80
CA PHE A 934 -34.68 -13.52 1.61
C PHE A 934 -34.43 -14.48 0.43
N ALA A 935 -35.38 -14.53 -0.50
CA ALA A 935 -35.29 -15.39 -1.68
C ALA A 935 -35.98 -14.75 -2.86
N TYR A 936 -35.67 -15.29 -4.04
CA TYR A 936 -36.23 -14.82 -5.30
C TYR A 936 -37.38 -15.77 -5.59
N ILE A 937 -38.59 -15.21 -5.51
CA ILE A 937 -39.83 -15.99 -5.60
C ILE A 937 -40.71 -15.30 -6.64
N CYS A 938 -41.41 -16.09 -7.45
CA CYS A 938 -42.37 -15.54 -8.40
C CYS A 938 -43.63 -16.42 -8.44
N PRO A 939 -44.70 -15.90 -9.05
CA PRO A 939 -45.88 -16.73 -9.29
C PRO A 939 -45.55 -18.02 -10.08
N ALA A 940 -46.27 -19.11 -9.81
CA ALA A 940 -45.93 -20.39 -10.42
C ALA A 940 -46.28 -20.45 -11.90
N ASN A 941 -47.10 -19.52 -12.36
CA ASN A 941 -47.51 -19.47 -13.75
C ASN A 941 -46.61 -18.62 -14.62
N VAL A 942 -45.49 -18.15 -14.08
CA VAL A 942 -44.44 -17.55 -14.92
C VAL A 942 -43.64 -18.73 -15.51
N PRO A 943 -43.40 -18.73 -16.84
CA PRO A 943 -42.54 -19.77 -17.44
C PRO A 943 -41.06 -19.34 -17.47
N TRP A 944 -40.15 -20.20 -17.96
CA TRP A 944 -38.72 -19.85 -18.08
C TRP A 944 -38.62 -18.47 -18.71
N THR A 945 -38.06 -17.51 -18.00
CA THR A 945 -38.08 -16.12 -18.46
C THR A 945 -36.67 -15.73 -18.90
N LYS A 946 -36.57 -15.20 -20.13
CA LYS A 946 -35.31 -14.79 -20.76
C LYS A 946 -35.13 -13.27 -20.83
N LYS A 947 -36.19 -12.53 -20.52
CA LYS A 947 -36.03 -11.13 -20.19
C LYS A 947 -35.43 -11.13 -18.79
N LEU A 948 -35.22 -9.96 -18.22
CA LEU A 948 -35.20 -9.84 -16.78
C LEU A 948 -35.83 -8.49 -16.49
N VAL A 949 -36.15 -8.25 -15.23
CA VAL A 949 -36.65 -6.98 -14.76
C VAL A 949 -35.68 -6.55 -13.68
N ASN A 950 -36.05 -5.56 -12.87
CA ASN A 950 -35.40 -5.40 -11.57
C ASN A 950 -35.82 -6.64 -10.75
N ILE A 951 -34.92 -7.62 -10.73
CA ILE A 951 -35.07 -8.77 -9.85
C ILE A 951 -35.60 -8.38 -8.47
N LYS A 952 -35.30 -7.16 -8.04
CA LYS A 952 -35.82 -6.53 -6.81
C LYS A 952 -37.32 -6.77 -6.48
N THR A 953 -38.19 -6.76 -7.48
CA THR A 953 -39.64 -6.99 -7.27
C THR A 953 -39.96 -8.41 -6.73
N TYR A 954 -39.06 -9.36 -6.97
CA TYR A 954 -39.21 -10.76 -6.56
C TYR A 954 -38.43 -11.11 -5.30
N GLU A 955 -37.69 -10.15 -4.74
CA GLU A 955 -37.08 -10.33 -3.42
C GLU A 955 -38.17 -10.50 -2.37
N THR A 956 -38.12 -11.61 -1.63
CA THR A 956 -39.21 -11.96 -0.73
C THR A 956 -38.66 -12.39 0.63
N ILE A 957 -38.86 -11.55 1.65
CA ILE A 957 -38.41 -11.85 2.99
C ILE A 957 -39.02 -13.19 3.41
N ILE A 958 -38.18 -14.05 4.00
CA ILE A 958 -38.55 -15.38 4.46
C ILE A 958 -38.34 -15.34 5.95
N ASP A 959 -39.42 -15.21 6.72
CA ASP A 959 -39.33 -15.37 8.19
C ASP A 959 -39.57 -16.82 8.59
N ARG A 960 -39.73 -17.08 9.88
CA ARG A 960 -39.89 -18.45 10.39
C ARG A 960 -41.25 -19.04 9.97
N SER A 961 -42.30 -18.22 10.09
CA SER A 961 -43.65 -18.61 9.66
C SER A 961 -43.70 -19.00 8.18
N PHE A 962 -43.05 -18.21 7.31
CA PHE A 962 -43.20 -18.30 5.82
C PHE A 962 -43.26 -19.72 5.26
N LYS A 963 -44.27 -19.95 4.41
CA LYS A 963 -44.37 -21.19 3.65
C LYS A 963 -44.58 -20.86 2.16
N LEU A 964 -43.93 -21.65 1.31
CA LEU A 964 -43.99 -21.38 -0.11
C LEU A 964 -45.39 -21.64 -0.63
N GLY A 965 -45.97 -20.61 -1.22
CA GLY A 965 -47.22 -20.76 -1.96
C GLY A 965 -47.30 -21.97 -2.88
N SER A 966 -48.44 -22.64 -2.82
CA SER A 966 -48.83 -23.59 -3.86
C SER A 966 -48.90 -22.94 -5.26
N ASP A 967 -49.16 -21.63 -5.32
CA ASP A 967 -49.22 -20.85 -6.57
C ASP A 967 -48.00 -19.96 -6.77
N GLN A 968 -46.86 -20.41 -6.24
CA GLN A 968 -45.58 -19.67 -6.28
C GLN A 968 -44.47 -20.65 -6.67
N ARG A 969 -43.41 -20.11 -7.25
CA ARG A 969 -42.18 -20.88 -7.42
C ARG A 969 -40.97 -20.07 -7.02
N ILE A 970 -39.94 -20.82 -6.63
CA ILE A 970 -38.59 -20.30 -6.52
C ILE A 970 -38.24 -19.79 -7.88
N PHE A 971 -37.84 -18.53 -7.98
CA PHE A 971 -37.55 -17.90 -9.27
C PHE A 971 -36.17 -18.35 -9.75
N TYR A 972 -36.11 -19.59 -10.21
CA TYR A 972 -34.87 -20.32 -10.45
C TYR A 972 -33.89 -19.63 -11.38
N GLU A 973 -34.40 -18.83 -12.31
CA GLU A 973 -33.60 -18.18 -13.32
C GLU A 973 -32.55 -17.30 -12.72
N VAL A 974 -32.92 -16.49 -11.73
CA VAL A 974 -31.97 -15.57 -11.09
C VAL A 974 -30.77 -16.39 -10.56
N TYR A 975 -31.04 -17.50 -9.88
CA TYR A 975 -29.99 -18.31 -9.27
C TYR A 975 -29.10 -19.03 -10.30
N PHE A 976 -29.69 -19.40 -11.42
CA PHE A 976 -28.99 -20.09 -12.49
C PHE A 976 -28.06 -19.16 -13.27
N LYS A 977 -28.60 -18.02 -13.66
CA LYS A 977 -27.83 -17.01 -14.39
C LYS A 977 -26.54 -16.60 -13.65
N ARG A 978 -26.60 -16.48 -12.31
CA ARG A 978 -25.43 -16.14 -11.48
C ARG A 978 -24.52 -17.35 -11.50
N LEU A 979 -25.08 -18.53 -11.29
CA LEU A 979 -24.29 -19.75 -11.29
C LEU A 979 -23.56 -20.04 -12.59
N THR A 980 -24.22 -19.86 -13.74
CA THR A 980 -23.53 -20.19 -15.01
C THR A 980 -22.53 -19.09 -15.37
N SER A 981 -22.76 -17.86 -14.92
CA SER A 981 -21.72 -16.82 -14.97
C SER A 981 -20.41 -17.29 -14.29
N GLU A 982 -20.44 -17.69 -13.02
CA GLU A 982 -19.24 -18.22 -12.34
C GLU A 982 -18.60 -19.36 -13.15
N ILE A 983 -19.43 -20.21 -13.78
CA ILE A 983 -18.96 -21.42 -14.47
C ILE A 983 -18.27 -21.13 -15.80
N VAL A 984 -18.78 -20.18 -16.58
CA VAL A 984 -18.10 -19.79 -17.84
C VAL A 984 -16.79 -18.99 -17.64
N ASN A 985 -16.52 -18.50 -16.44
CA ASN A 985 -15.26 -17.85 -16.11
C ASN A 985 -14.22 -18.82 -15.58
N LEU A 986 -14.66 -20.02 -15.16
CA LEU A 986 -13.73 -21.12 -14.94
C LEU A 986 -13.30 -21.69 -16.29
N LEU A 987 -14.16 -21.54 -17.29
CA LEU A 987 -13.89 -22.10 -18.60
C LEU A 987 -12.99 -21.20 -19.39
N ASP A 988 -12.27 -21.85 -20.30
CA ASP A 988 -11.18 -21.24 -21.08
C ASP A 988 -11.71 -20.90 -22.47
N ASN A 989 -12.46 -21.82 -23.08
CA ASN A 989 -13.16 -21.53 -24.35
C ASN A 989 -14.23 -20.46 -24.11
N LYS A 990 -14.17 -19.36 -24.86
CA LYS A 990 -15.04 -18.18 -24.66
C LYS A 990 -16.25 -18.11 -25.58
N VAL A 991 -16.08 -18.47 -26.85
CA VAL A 991 -17.16 -18.35 -27.83
C VAL A 991 -18.30 -19.37 -27.62
N LEU A 992 -17.92 -20.58 -27.19
CA LEU A 992 -18.89 -21.61 -26.76
C LEU A 992 -19.76 -21.03 -25.62
N CYS A 993 -19.07 -20.52 -24.59
CA CYS A 993 -19.71 -19.95 -23.39
C CYS A 993 -20.70 -18.80 -23.64
N ILE A 994 -20.39 -17.90 -24.57
CA ILE A 994 -21.28 -16.76 -24.89
C ILE A 994 -22.55 -17.22 -25.63
N SER A 995 -22.48 -18.38 -26.30
CA SER A 995 -23.62 -18.92 -27.05
C SER A 995 -24.68 -19.52 -26.12
N PHE A 996 -24.24 -20.44 -25.26
CA PHE A 996 -24.99 -21.00 -24.12
C PHE A 996 -25.75 -19.95 -23.30
N PHE A 997 -25.06 -18.87 -22.95
CA PHE A 997 -25.60 -17.84 -22.08
C PHE A 997 -26.63 -16.93 -22.78
N GLU A 998 -26.60 -16.84 -24.10
CA GLU A 998 -27.66 -16.13 -24.87
C GLU A 998 -28.87 -17.05 -25.08
N ARG A 999 -28.59 -18.33 -25.28
CA ARG A 999 -29.62 -19.32 -25.52
C ARG A 999 -30.48 -19.53 -24.29
N MET A 1000 -29.86 -19.71 -23.12
CA MET A 1000 -30.57 -20.01 -21.88
C MET A 1000 -31.21 -18.77 -21.28
N PHE A 1001 -30.43 -17.70 -21.14
CA PHE A 1001 -30.84 -16.52 -20.36
C PHE A 1001 -31.18 -15.24 -21.16
N GLY A 1002 -31.05 -15.27 -22.49
CA GLY A 1002 -31.29 -14.11 -23.37
C GLY A 1002 -30.44 -12.86 -23.13
N SER A 1003 -29.19 -13.05 -22.71
CA SER A 1003 -28.33 -11.95 -22.25
C SER A 1003 -26.85 -12.30 -22.52
N LYS A 1004 -25.95 -11.33 -22.44
CA LYS A 1004 -24.50 -11.58 -22.60
C LYS A 1004 -23.80 -11.66 -21.23
N PRO A 1005 -22.88 -12.63 -21.05
CA PRO A 1005 -22.24 -12.77 -19.74
C PRO A 1005 -21.17 -11.72 -19.40
N THR A 1006 -20.79 -11.69 -18.12
CA THR A 1006 -19.63 -10.95 -17.63
C THR A 1006 -18.39 -11.85 -17.76
N PHE A 1007 -17.21 -11.24 -17.82
CA PHE A 1007 -15.94 -11.97 -17.88
C PHE A 1007 -14.82 -11.24 -17.11
N TYR A 1008 -14.44 -11.71 -15.92
CA TYR A 1008 -13.58 -10.89 -15.00
C TYR A 1008 -12.20 -10.53 -15.59
N GLU A 1009 -12.18 -9.63 -16.57
CA GLU A 1009 -10.95 -9.23 -17.29
C GLU A 1009 -10.34 -7.95 -16.67
O1 MES B . 2.36 16.91 26.05
C2 MES B . 2.11 18.22 25.57
C3 MES B . 3.22 18.59 24.61
N4 MES B . 4.51 18.59 25.33
C5 MES B . 4.77 17.24 25.85
C6 MES B . 3.59 16.85 26.76
C7 MES B . 5.55 18.96 24.36
C8 MES B . 6.87 19.39 24.98
S MES B . 8.16 19.30 23.90
O1S MES B . 8.15 20.41 22.92
O2S MES B . 9.36 19.48 24.74
O3S MES B . 8.20 18.00 23.16
O1 MES C . 10.70 22.92 -2.57
C2 MES C . 10.77 22.49 -3.94
C3 MES C . 9.46 21.94 -4.53
N4 MES C . 8.84 21.02 -3.56
C5 MES C . 8.53 21.80 -2.35
C6 MES C . 9.83 22.20 -1.68
C7 MES C . 7.65 20.33 -4.11
C8 MES C . 7.33 19.03 -3.32
S MES C . 6.40 17.83 -4.05
O1S MES C . 7.00 16.49 -3.85
O2S MES C . 5.06 17.78 -3.43
O3S MES C . 6.19 18.11 -5.50
O1 MES D . 3.56 19.01 7.79
C2 MES D . 4.56 18.02 8.02
C3 MES D . 3.97 16.61 8.10
N4 MES D . 2.78 16.37 7.23
C5 MES D . 2.67 17.38 6.13
C6 MES D . 2.93 18.86 6.51
C7 MES D . 2.77 14.94 6.75
C8 MES D . 1.49 14.65 5.93
S MES D . 0.85 13.09 5.90
O1S MES D . 0.67 12.55 7.25
O2S MES D . -0.48 13.19 5.23
O3S MES D . 1.69 12.14 5.15
C1 GOL E . 20.57 -0.08 23.17
O1 GOL E . 21.32 -1.06 22.42
C2 GOL E . 21.11 1.32 22.84
O2 GOL E . 20.30 1.89 21.80
C3 GOL E . 21.17 2.24 24.09
O3 GOL E . 20.07 3.16 24.20
C1 GOL F . 22.79 13.28 4.65
O1 GOL F . 21.97 12.17 5.10
C2 GOL F . 24.21 13.12 5.16
O2 GOL F . 24.92 12.31 4.24
C3 GOL F . 24.97 14.42 5.25
O3 GOL F . 26.00 14.18 6.22
S1 DTT G . 8.61 -3.24 7.66
C1 DTT G . 7.43 -4.16 6.61
C2 DTT G . 5.97 -3.64 6.49
O2 DTT G . 5.91 -2.35 5.85
C3 DTT G . 5.17 -3.59 7.80
O3 DTT G . 5.51 -2.47 8.65
C4 DTT G . 3.65 -3.55 7.52
S4 DTT G . 2.77 -5.01 8.14
N1 EPE H . -32.39 19.66 22.84
C2 EPE H . -31.25 18.72 22.84
C3 EPE H . -31.64 17.39 22.19
N4 EPE H . -31.75 17.59 20.73
C5 EPE H . -32.41 18.91 20.42
C6 EPE H . -33.20 19.50 21.61
C7 EPE H . -30.42 17.44 20.07
C8 EPE H . -30.45 17.45 18.55
O8 EPE H . -29.63 16.38 18.06
C9 EPE H . -33.17 19.43 24.07
C10 EPE H . -34.14 20.57 24.39
S EPE H . -34.83 20.35 25.91
O1S EPE H . -36.11 21.12 25.98
O2S EPE H . -33.90 20.79 26.97
O3S EPE H . -35.12 18.93 26.18
#